data_2PNV
# 
_entry.id   2PNV 
# 
_audit_conform.dict_name       mmcif_pdbx.dic 
_audit_conform.dict_version    5.380 
_audit_conform.dict_location   http://mmcif.pdb.org/dictionaries/ascii/mmcif_pdbx.dic 
# 
loop_
_database_2.database_id 
_database_2.database_code 
_database_2.pdbx_database_accession 
_database_2.pdbx_DOI 
PDB   2PNV         pdb_00002pnv 10.2210/pdb2pnv/pdb 
RCSB  RCSB042584   ?            ?                   
WWPDB D_1000042584 ?            ?                   
# 
_pdbx_database_status.status_code                     REL 
_pdbx_database_status.entry_id                        2PNV 
_pdbx_database_status.recvd_initial_deposition_date   2007-04-25 
_pdbx_database_status.deposit_site                    RCSB 
_pdbx_database_status.process_site                    PDBJ 
_pdbx_database_status.status_code_sf                  REL 
_pdbx_database_status.status_code_mr                  ? 
_pdbx_database_status.SG_entry                        ? 
_pdbx_database_status.pdb_format_compatible           Y 
_pdbx_database_status.status_code_cs                  ? 
_pdbx_database_status.status_code_nmr_data            ? 
_pdbx_database_status.methods_development_category    ? 
# 
loop_
_audit_author.name 
_audit_author.pdbx_ordinal 
'Kim, J.Y.'  1 
'Kim, M.K.'  2 
'Kang, G.B.' 3 
'Park, C.S.' 4 
'Eom, S.H.'  5 
# 
_citation.id                        primary 
_citation.title                     
'Crystal structure of the leucine zipper domain of small-conductance Ca2+-activated K+ (SK(Ca)) channel from Rattus norvegicus.' 
_citation.journal_abbrev            Proteins 
_citation.journal_volume            70 
_citation.page_first                568 
_citation.page_last                 571 
_citation.year                      2008 
_citation.journal_id_ASTM           PSFGEY 
_citation.country                   US 
_citation.journal_id_ISSN           0887-3585 
_citation.journal_id_CSD            0867 
_citation.book_publisher            ? 
_citation.pdbx_database_id_PubMed   17910055 
_citation.pdbx_database_id_DOI      10.1002/prot.21634 
# 
loop_
_citation_author.citation_id 
_citation_author.name 
_citation_author.ordinal 
_citation_author.identifier_ORCID 
primary 'Kim, J.Y.'  1 ? 
primary 'Kim, M.K.'  2 ? 
primary 'Kang, G.B.' 3 ? 
primary 'Park, C.S.' 4 ? 
primary 'Eom, S.H.'  5 ? 
# 
_cell.entry_id           2PNV 
_cell.length_a           29.200 
_cell.length_b           29.200 
_cell.length_c           192.900 
_cell.angle_alpha        90.00 
_cell.angle_beta         90.00 
_cell.angle_gamma        120.00 
_cell.Z_PDB              12 
_cell.pdbx_unique_axis   ? 
_cell.length_a_esd       ? 
_cell.length_b_esd       ? 
_cell.length_c_esd       ? 
_cell.angle_alpha_esd    ? 
_cell.angle_beta_esd     ? 
_cell.angle_gamma_esd    ? 
# 
_symmetry.entry_id                         2PNV 
_symmetry.space_group_name_H-M             'P 63' 
_symmetry.pdbx_full_space_group_name_H-M   ? 
_symmetry.cell_setting                     ? 
_symmetry.Int_Tables_number                173 
_symmetry.space_group_name_Hall            ? 
# 
loop_
_entity.id 
_entity.type 
_entity.src_method 
_entity.pdbx_description 
_entity.formula_weight 
_entity.pdbx_number_of_molecules 
_entity.pdbx_ec 
_entity.pdbx_mutation 
_entity.pdbx_fragment 
_entity.details 
1 polymer man 'Small conductance calcium-activated potassium channel protein 2' 4954.655 2 ? ? 'leucine zipper domain' ? 
2 water   nat water                                                             18.015   4 ? ? ?                       ? 
# 
_entity_name_com.entity_id   1 
_entity_name_com.name        'SK2, small-conductance Ca2+-activated K+ (SKCa) channel' 
# 
_entity_poly.entity_id                      1 
_entity_poly.type                           'polypeptide(L)' 
_entity_poly.nstd_linkage                   no 
_entity_poly.nstd_monomer                   no 
_entity_poly.pdbx_seq_one_letter_code       GSHMNIMYDMISDLNERSEDFEKRIVTLETKLETLIGSIHALP 
_entity_poly.pdbx_seq_one_letter_code_can   GSHMNIMYDMISDLNERSEDFEKRIVTLETKLETLIGSIHALP 
_entity_poly.pdbx_strand_id                 A,B 
_entity_poly.pdbx_target_identifier         ? 
# 
loop_
_entity_poly_seq.entity_id 
_entity_poly_seq.num 
_entity_poly_seq.mon_id 
_entity_poly_seq.hetero 
1 1  GLY n 
1 2  SER n 
1 3  HIS n 
1 4  MET n 
1 5  ASN n 
1 6  ILE n 
1 7  MET n 
1 8  TYR n 
1 9  ASP n 
1 10 MET n 
1 11 ILE n 
1 12 SER n 
1 13 ASP n 
1 14 LEU n 
1 15 ASN n 
1 16 GLU n 
1 17 ARG n 
1 18 SER n 
1 19 GLU n 
1 20 ASP n 
1 21 PHE n 
1 22 GLU n 
1 23 LYS n 
1 24 ARG n 
1 25 ILE n 
1 26 VAL n 
1 27 THR n 
1 28 LEU n 
1 29 GLU n 
1 30 THR n 
1 31 LYS n 
1 32 LEU n 
1 33 GLU n 
1 34 THR n 
1 35 LEU n 
1 36 ILE n 
1 37 GLY n 
1 38 SER n 
1 39 ILE n 
1 40 HIS n 
1 41 ALA n 
1 42 LEU n 
1 43 PRO n 
# 
_entity_src_gen.entity_id                          1 
_entity_src_gen.pdbx_src_id                        1 
_entity_src_gen.pdbx_alt_source_flag               sample 
_entity_src_gen.pdbx_seq_type                      ? 
_entity_src_gen.pdbx_beg_seq_num                   ? 
_entity_src_gen.pdbx_end_seq_num                   ? 
_entity_src_gen.gene_src_common_name               'Norway rat' 
_entity_src_gen.gene_src_genus                     Rattus 
_entity_src_gen.pdbx_gene_src_gene                 Kcnn2 
_entity_src_gen.gene_src_species                   ? 
_entity_src_gen.gene_src_strain                    ? 
_entity_src_gen.gene_src_tissue                    ? 
_entity_src_gen.gene_src_tissue_fraction           ? 
_entity_src_gen.gene_src_details                   ? 
_entity_src_gen.pdbx_gene_src_fragment             ? 
_entity_src_gen.pdbx_gene_src_scientific_name      'Rattus norvegicus' 
_entity_src_gen.pdbx_gene_src_ncbi_taxonomy_id     10116 
_entity_src_gen.pdbx_gene_src_variant              ? 
_entity_src_gen.pdbx_gene_src_cell_line            ? 
_entity_src_gen.pdbx_gene_src_atcc                 ? 
_entity_src_gen.pdbx_gene_src_organ                ? 
_entity_src_gen.pdbx_gene_src_organelle            ? 
_entity_src_gen.pdbx_gene_src_cell                 ? 
_entity_src_gen.pdbx_gene_src_cellular_location    ? 
_entity_src_gen.host_org_common_name               ? 
_entity_src_gen.pdbx_host_org_scientific_name      'Escherichia coli BL21(DE3)' 
_entity_src_gen.pdbx_host_org_ncbi_taxonomy_id     469008 
_entity_src_gen.host_org_genus                     Escherichia 
_entity_src_gen.pdbx_host_org_gene                 ? 
_entity_src_gen.pdbx_host_org_organ                ? 
_entity_src_gen.host_org_species                   'Escherichia coli' 
_entity_src_gen.pdbx_host_org_tissue               ? 
_entity_src_gen.pdbx_host_org_tissue_fraction      ? 
_entity_src_gen.pdbx_host_org_strain               'BL21(DE3)' 
_entity_src_gen.pdbx_host_org_variant              ? 
_entity_src_gen.pdbx_host_org_cell_line            ? 
_entity_src_gen.pdbx_host_org_atcc                 ? 
_entity_src_gen.pdbx_host_org_culture_collection   ? 
_entity_src_gen.pdbx_host_org_cell                 ? 
_entity_src_gen.pdbx_host_org_organelle            ? 
_entity_src_gen.pdbx_host_org_cellular_location    ? 
_entity_src_gen.pdbx_host_org_vector_type          plasmid 
_entity_src_gen.pdbx_host_org_vector               ? 
_entity_src_gen.host_org_details                   ? 
_entity_src_gen.expression_system_id               ? 
_entity_src_gen.plasmid_name                       'modified pGEX vector' 
_entity_src_gen.plasmid_details                    ? 
_entity_src_gen.pdbx_description                   ? 
# 
_struct_ref.id                         1 
_struct_ref.db_name                    UNP 
_struct_ref.db_code                    KCNN2_RAT 
_struct_ref.pdbx_db_accession          P70604 
_struct_ref.entity_id                  1 
_struct_ref.pdbx_seq_one_letter_code   NIMYDMISDLNERSEDFEKRIVTLETKLETLIGSIHALP 
_struct_ref.pdbx_align_begin           488 
_struct_ref.pdbx_db_isoform            ? 
# 
loop_
_struct_ref_seq.align_id 
_struct_ref_seq.ref_id 
_struct_ref_seq.pdbx_PDB_id_code 
_struct_ref_seq.pdbx_strand_id 
_struct_ref_seq.seq_align_beg 
_struct_ref_seq.pdbx_seq_align_beg_ins_code 
_struct_ref_seq.seq_align_end 
_struct_ref_seq.pdbx_seq_align_end_ins_code 
_struct_ref_seq.pdbx_db_accession 
_struct_ref_seq.db_align_beg 
_struct_ref_seq.pdbx_db_align_beg_ins_code 
_struct_ref_seq.db_align_end 
_struct_ref_seq.pdbx_db_align_end_ins_code 
_struct_ref_seq.pdbx_auth_seq_align_beg 
_struct_ref_seq.pdbx_auth_seq_align_end 
1 1 2PNV A 5 ? 43 ? P70604 488 ? 526 ? 488 526 
2 1 2PNV B 5 ? 43 ? P70604 488 ? 526 ? 488 526 
# 
loop_
_struct_ref_seq_dif.align_id 
_struct_ref_seq_dif.pdbx_pdb_id_code 
_struct_ref_seq_dif.mon_id 
_struct_ref_seq_dif.pdbx_pdb_strand_id 
_struct_ref_seq_dif.seq_num 
_struct_ref_seq_dif.pdbx_pdb_ins_code 
_struct_ref_seq_dif.pdbx_seq_db_name 
_struct_ref_seq_dif.pdbx_seq_db_accession_code 
_struct_ref_seq_dif.db_mon_id 
_struct_ref_seq_dif.pdbx_seq_db_seq_num 
_struct_ref_seq_dif.details 
_struct_ref_seq_dif.pdbx_auth_seq_num 
_struct_ref_seq_dif.pdbx_ordinal 
1 2PNV GLY A 1 ? UNP P70604 ? ? 'expression tag' 484 1 
1 2PNV SER A 2 ? UNP P70604 ? ? 'expression tag' 485 2 
1 2PNV HIS A 3 ? UNP P70604 ? ? 'expression tag' 486 3 
1 2PNV MET A 4 ? UNP P70604 ? ? 'expression tag' 487 4 
2 2PNV GLY B 1 ? UNP P70604 ? ? 'expression tag' 484 5 
2 2PNV SER B 2 ? UNP P70604 ? ? 'expression tag' 485 6 
2 2PNV HIS B 3 ? UNP P70604 ? ? 'expression tag' 486 7 
2 2PNV MET B 4 ? UNP P70604 ? ? 'expression tag' 487 8 
# 
loop_
_chem_comp.id 
_chem_comp.type 
_chem_comp.mon_nstd_flag 
_chem_comp.name 
_chem_comp.pdbx_synonyms 
_chem_comp.formula 
_chem_comp.formula_weight 
ALA 'L-peptide linking' y ALANINE         ? 'C3 H7 N O2'     89.093  
ARG 'L-peptide linking' y ARGININE        ? 'C6 H15 N4 O2 1' 175.209 
ASN 'L-peptide linking' y ASPARAGINE      ? 'C4 H8 N2 O3'    132.118 
ASP 'L-peptide linking' y 'ASPARTIC ACID' ? 'C4 H7 N O4'     133.103 
GLU 'L-peptide linking' y 'GLUTAMIC ACID' ? 'C5 H9 N O4'     147.129 
GLY 'peptide linking'   y GLYCINE         ? 'C2 H5 N O2'     75.067  
HIS 'L-peptide linking' y HISTIDINE       ? 'C6 H10 N3 O2 1' 156.162 
HOH non-polymer         . WATER           ? 'H2 O'           18.015  
ILE 'L-peptide linking' y ISOLEUCINE      ? 'C6 H13 N O2'    131.173 
LEU 'L-peptide linking' y LEUCINE         ? 'C6 H13 N O2'    131.173 
LYS 'L-peptide linking' y LYSINE          ? 'C6 H15 N2 O2 1' 147.195 
MET 'L-peptide linking' y METHIONINE      ? 'C5 H11 N O2 S'  149.211 
PHE 'L-peptide linking' y PHENYLALANINE   ? 'C9 H11 N O2'    165.189 
PRO 'L-peptide linking' y PROLINE         ? 'C5 H9 N O2'     115.130 
SER 'L-peptide linking' y SERINE          ? 'C3 H7 N O3'     105.093 
THR 'L-peptide linking' y THREONINE       ? 'C4 H9 N O3'     119.119 
TYR 'L-peptide linking' y TYROSINE        ? 'C9 H11 N O3'    181.189 
VAL 'L-peptide linking' y VALINE          ? 'C5 H11 N O2'    117.146 
# 
_exptl.entry_id          2PNV 
_exptl.method            'X-RAY DIFFRACTION' 
_exptl.crystals_number   1 
# 
_exptl_crystal.id                    1 
_exptl_crystal.density_meas          ? 
_exptl_crystal.density_Matthews      2.257 
_exptl_crystal.density_percent_sol   43.41 
_exptl_crystal.description           ? 
_exptl_crystal.F_000                 ? 
_exptl_crystal.preparation           ? 
# 
_exptl_crystal_grow.crystal_id      1 
_exptl_crystal_grow.method          'VAPOR DIFFUSION, HANGING DROP' 
_exptl_crystal_grow.temp            298.0 
_exptl_crystal_grow.temp_details    ? 
_exptl_crystal_grow.pH              5.6 
_exptl_crystal_grow.pdbx_details    
'0.1M sodium citrate (pH 5.6), 20-22% (w/v) PEG 8000, VAPOR DIFFUSION, HANGING DROP, temperature 298.0K' 
_exptl_crystal_grow.pdbx_pH_range   . 
# 
_diffrn.id                     1 
_diffrn.ambient_temp           200 
_diffrn.ambient_temp_details   ? 
_diffrn.crystal_id             1 
# 
_diffrn_detector.diffrn_id              1 
_diffrn_detector.detector               CCD 
_diffrn_detector.type                   ? 
_diffrn_detector.pdbx_collection_date   2004-11-07 
_diffrn_detector.details                ? 
# 
_diffrn_radiation.diffrn_id                        1 
_diffrn_radiation.wavelength_id                    1 
_diffrn_radiation.pdbx_monochromatic_or_laue_m_l   M 
_diffrn_radiation.monochromator                    ? 
_diffrn_radiation.pdbx_diffrn_protocol             'SINGLE WAVELENGTH' 
_diffrn_radiation.pdbx_scattering_type             x-ray 
# 
_diffrn_radiation_wavelength.id           1 
_diffrn_radiation_wavelength.wavelength   1.0000 
_diffrn_radiation_wavelength.wt           1.0 
# 
_diffrn_source.diffrn_id                   1 
_diffrn_source.source                      SYNCHROTRON 
_diffrn_source.type                        'PHOTON FACTORY BEAMLINE BL-5A' 
_diffrn_source.pdbx_synchrotron_site       'Photon Factory' 
_diffrn_source.pdbx_synchrotron_beamline   BL-5A 
_diffrn_source.pdbx_wavelength             ? 
_diffrn_source.pdbx_wavelength_list        1.0000 
# 
_reflns.entry_id                     2PNV 
_reflns.observed_criterion_sigma_F   0.0 
_reflns.observed_criterion_sigma_I   0.0 
_reflns.d_resolution_high            2.1 
_reflns.d_resolution_low             50 
_reflns.number_all                   5216 
_reflns.number_obs                   5204 
_reflns.percent_possible_obs         99.8 
_reflns.pdbx_Rmerge_I_obs            0.062 
_reflns.pdbx_Rsym_value              0.062 
_reflns.pdbx_netI_over_sigmaI        68.1 
_reflns.B_iso_Wilson_estimate        ? 
_reflns.pdbx_redundancy              15.8 
_reflns.R_free_details               ? 
_reflns.limit_h_max                  ? 
_reflns.limit_h_min                  ? 
_reflns.limit_k_max                  ? 
_reflns.limit_k_min                  ? 
_reflns.limit_l_max                  ? 
_reflns.limit_l_min                  ? 
_reflns.observed_criterion_F_max     ? 
_reflns.observed_criterion_F_min     ? 
_reflns.pdbx_chi_squared             ? 
_reflns.pdbx_scaling_rejects         ? 
_reflns.pdbx_diffrn_id               1 
_reflns.pdbx_ordinal                 1 
# 
_reflns_shell.d_res_high             2.1 
_reflns_shell.d_res_low              2.14 
_reflns_shell.percent_possible_all   99.6 
_reflns_shell.Rmerge_I_obs           0.324 
_reflns_shell.pdbx_Rsym_value        0.324 
_reflns_shell.meanI_over_sigI_obs    8.2 
_reflns_shell.pdbx_redundancy        14.8 
_reflns_shell.percent_possible_obs   ? 
_reflns_shell.number_unique_all      232 
_reflns_shell.number_measured_all    ? 
_reflns_shell.number_measured_obs    ? 
_reflns_shell.number_unique_obs      ? 
_reflns_shell.pdbx_chi_squared       ? 
_reflns_shell.pdbx_diffrn_id         ? 
_reflns_shell.pdbx_ordinal           1 
# 
_refine.entry_id                                 2PNV 
_refine.ls_d_res_high                            2.1 
_refine.ls_d_res_low                             20 
_refine.pdbx_ls_sigma_F                          0.0 
_refine.pdbx_ls_sigma_I                          0.0 
_refine.ls_number_reflns_all                     5216 
_refine.ls_number_reflns_obs                     5204 
_refine.ls_number_reflns_R_free                  231 
_refine.ls_percent_reflns_obs                    99.8 
_refine.ls_R_factor_all                          0.215 
_refine.ls_R_factor_obs                          0.215 
_refine.ls_R_factor_R_work                       0.210 
_refine.ls_R_factor_R_free                       0.278 
_refine.ls_redundancy_reflns_obs                 ? 
_refine.pdbx_data_cutoff_high_absF               ? 
_refine.pdbx_data_cutoff_low_absF                ? 
_refine.ls_number_parameters                     ? 
_refine.ls_number_restraints                     ? 
_refine.ls_percent_reflns_R_free                 ? 
_refine.ls_R_factor_R_free_error                 ? 
_refine.ls_R_factor_R_free_error_details         ? 
_refine.pdbx_method_to_determine_struct          'MOLECULAR REPLACEMENT' 
_refine.pdbx_starting_model                      'PDB entry 1C94' 
_refine.pdbx_ls_cross_valid_method               THROUGHOUT 
_refine.pdbx_R_Free_selection_details            RANDOM 
_refine.pdbx_stereochem_target_val_spec_case     ? 
_refine.pdbx_stereochemistry_target_values       'Engh & Huber' 
_refine.solvent_model_details                    ? 
_refine.solvent_model_param_bsol                 ? 
_refine.solvent_model_param_ksol                 ? 
_refine.occupancy_max                            ? 
_refine.occupancy_min                            ? 
_refine.pdbx_isotropic_thermal_model             anisotropic 
_refine.B_iso_mean                               52.3 
_refine.aniso_B[1][1]                            -9.748 
_refine.aniso_B[1][2]                            -5.371 
_refine.aniso_B[1][3]                            0.000 
_refine.aniso_B[2][2]                            -9.748 
_refine.aniso_B[2][3]                            0.000 
_refine.aniso_B[3][3]                            19.496 
_refine.details                                  
;THIS IS A TWINNED STRUCTURE. THE TWINNING OPERATOR IS (H,K,L) -> (H,-H-K,-L) AND THE TWINNING FRACTION IS 0.35. THE R-FACTOR IS 0.210 AND THE R-FREE IS 0.278 WHEN THIS TWINNING OPERATOR IS USED.
;
_refine.B_iso_min                                ? 
_refine.B_iso_max                                ? 
_refine.correlation_coeff_Fo_to_Fc               ? 
_refine.correlation_coeff_Fo_to_Fc_free          ? 
_refine.pdbx_solvent_vdw_probe_radii             ? 
_refine.pdbx_solvent_ion_probe_radii             ? 
_refine.pdbx_solvent_shrinkage_radii             ? 
_refine.overall_SU_R_Cruickshank_DPI             ? 
_refine.overall_SU_R_free                        ? 
_refine.overall_SU_ML                            ? 
_refine.overall_SU_B                             ? 
_refine.pdbx_overall_ESU_R_Free                  ? 
_refine.pdbx_data_cutoff_high_rms_absF           ? 
_refine.pdbx_overall_ESU_R                       ? 
_refine.ls_wR_factor_R_free                      ? 
_refine.ls_wR_factor_R_work                      ? 
_refine.overall_FOM_free_R_set                   ? 
_refine.overall_FOM_work_R_set                   ? 
_refine.pdbx_overall_phase_error                 ? 
_refine.pdbx_refine_id                           'X-RAY DIFFRACTION' 
_refine.pdbx_diffrn_id                           1 
_refine.pdbx_TLS_residual_ADP_flag               ? 
_refine.pdbx_overall_SU_R_free_Cruickshank_DPI   ? 
_refine.pdbx_overall_SU_R_Blow_DPI               ? 
_refine.pdbx_overall_SU_R_free_Blow_DPI          ? 
# 
_refine_analyze.entry_id                        2PNV 
_refine_analyze.Luzzati_coordinate_error_obs    0.37 
_refine_analyze.Luzzati_sigma_a_obs             0.36 
_refine_analyze.Luzzati_d_res_low_obs           5.00 
_refine_analyze.Luzzati_coordinate_error_free   ? 
_refine_analyze.Luzzati_sigma_a_free            ? 
_refine_analyze.Luzzati_d_res_low_free          ? 
_refine_analyze.number_disordered_residues      ? 
_refine_analyze.occupancy_sum_non_hydrogen      ? 
_refine_analyze.occupancy_sum_hydrogen          ? 
_refine_analyze.pdbx_Luzzati_d_res_high_obs     ? 
_refine_analyze.pdbx_refine_id                  'X-RAY DIFFRACTION' 
# 
_refine_hist.pdbx_refine_id                   'X-RAY DIFFRACTION' 
_refine_hist.cycle_id                         LAST 
_refine_hist.pdbx_number_atoms_protein        634 
_refine_hist.pdbx_number_atoms_nucleic_acid   0 
_refine_hist.pdbx_number_atoms_ligand         0 
_refine_hist.number_atoms_solvent             4 
_refine_hist.number_atoms_total               638 
_refine_hist.d_res_high                       2.1 
_refine_hist.d_res_low                        20 
# 
loop_
_refine_ls_restr.type 
_refine_ls_restr.dev_ideal 
_refine_ls_restr.dev_ideal_target 
_refine_ls_restr.weight 
_refine_ls_restr.number 
_refine_ls_restr.pdbx_refine_id 
_refine_ls_restr.pdbx_restraint_function 
c_bond_d           0.008 ? ? ? 'X-RAY DIFFRACTION' ? 
c_angle_deg        1.2   ? ? ? 'X-RAY DIFFRACTION' ? 
c_dihedral_angle_d 14.1  ? ? ? 'X-RAY DIFFRACTION' ? 
c_improper_angle_d 0.72  ? ? ? 'X-RAY DIFFRACTION' ? 
# 
_refine_ls_shell.pdbx_total_number_of_bins_used   ? 
_refine_ls_shell.d_res_high                       2.10 
_refine_ls_shell.d_res_low                        2.23 
_refine_ls_shell.number_reflns_R_work             ? 
_refine_ls_shell.R_factor_R_work                  0.355 
_refine_ls_shell.percent_reflns_obs               95.3 
_refine_ls_shell.R_factor_R_free                  0.331 
_refine_ls_shell.R_factor_R_free_error            0.046 
_refine_ls_shell.percent_reflns_R_free            ? 
_refine_ls_shell.number_reflns_R_free             52 
_refine_ls_shell.number_reflns_all                ? 
_refine_ls_shell.R_factor_all                     ? 
_refine_ls_shell.number_reflns_obs                766 
_refine_ls_shell.redundancy_reflns_obs            ? 
_refine_ls_shell.pdbx_refine_id                   'X-RAY DIFFRACTION' 
# 
_struct.entry_id                  2PNV 
_struct.title                     
'Crystal Structure of the leucine zipper domain of small-conductance Ca2+-activated K+ (SKCa) channel from Rattus norvegicus' 
_struct.pdbx_model_details        ? 
_struct.pdbx_CASP_flag            ? 
_struct.pdbx_model_type_details   ? 
# 
_struct_keywords.entry_id        2PNV 
_struct_keywords.pdbx_keywords   'MEMBRANE PROTEIN' 
_struct_keywords.text            'leucine zipper, SKCa channel, Rattus norvegicus, MEMBRANE PROTEIN' 
# 
loop_
_struct_asym.id 
_struct_asym.pdbx_blank_PDB_chainid_flag 
_struct_asym.pdbx_modified 
_struct_asym.entity_id 
_struct_asym.details 
A N N 1 ? 
B N N 1 ? 
C N N 2 ? 
D N N 2 ? 
# 
_struct_biol.id        1 
_struct_biol.details   ? 
# 
loop_
_struct_conf.conf_type_id 
_struct_conf.id 
_struct_conf.pdbx_PDB_helix_id 
_struct_conf.beg_label_comp_id 
_struct_conf.beg_label_asym_id 
_struct_conf.beg_label_seq_id 
_struct_conf.pdbx_beg_PDB_ins_code 
_struct_conf.end_label_comp_id 
_struct_conf.end_label_asym_id 
_struct_conf.end_label_seq_id 
_struct_conf.pdbx_end_PDB_ins_code 
_struct_conf.beg_auth_comp_id 
_struct_conf.beg_auth_asym_id 
_struct_conf.beg_auth_seq_id 
_struct_conf.end_auth_comp_id 
_struct_conf.end_auth_asym_id 
_struct_conf.end_auth_seq_id 
_struct_conf.pdbx_PDB_helix_class 
_struct_conf.details 
_struct_conf.pdbx_PDB_helix_length 
HELX_P HELX_P1 1 ASN A 5 ? ALA A 41 ? ASN A 488 ALA A 524 1 ? 37 
HELX_P HELX_P2 2 ASN B 5 ? HIS B 40 ? ASN B 488 HIS B 523 1 ? 36 
# 
_struct_conf_type.id          HELX_P 
_struct_conf_type.criteria    ? 
_struct_conf_type.reference   ? 
# 
_atom_sites.entry_id                    2PNV 
_atom_sites.fract_transf_matrix[1][1]   0.00167055 
_atom_sites.fract_transf_matrix[1][2]   -0.02843011 
_atom_sites.fract_transf_matrix[1][3]   0.02743588 
_atom_sites.fract_transf_matrix[2][1]   0.03259283 
_atom_sites.fract_transf_matrix[2][2]   -0.00439590 
_atom_sites.fract_transf_matrix[2][3]   0.02195883 
_atom_sites.fract_transf_matrix[3][1]   -0.00192802 
_atom_sites.fract_transf_matrix[3][2]   0.00328246 
_atom_sites.fract_transf_matrix[3][3]   0.00351881 
_atom_sites.fract_transf_vector[1]      -0.454796 
_atom_sites.fract_transf_vector[2]      -0.468860 
_atom_sites.fract_transf_vector[3]      -0.121758 
# 
loop_
_atom_type.symbol 
C 
N 
O 
S 
# 
loop_
_atom_site.group_PDB 
_atom_site.id 
_atom_site.type_symbol 
_atom_site.label_atom_id 
_atom_site.label_alt_id 
_atom_site.label_comp_id 
_atom_site.label_asym_id 
_atom_site.label_entity_id 
_atom_site.label_seq_id 
_atom_site.pdbx_PDB_ins_code 
_atom_site.Cartn_x 
_atom_site.Cartn_y 
_atom_site.Cartn_z 
_atom_site.occupancy 
_atom_site.B_iso_or_equiv 
_atom_site.pdbx_formal_charge 
_atom_site.auth_seq_id 
_atom_site.auth_comp_id 
_atom_site.auth_asym_id 
_atom_site.auth_atom_id 
_atom_site.pdbx_PDB_model_num 
ATOM   1   N N   . ASN A 1 5  ? -2.241  -2.814  10.459  1.00 63.57  ? 488 ASN A N   1 
ATOM   2   C CA  . ASN A 1 5  ? -3.657  -3.025  10.047  1.00 65.16  ? 488 ASN A CA  1 
ATOM   3   C C   . ASN A 1 5  ? -3.799  -4.398  9.437   1.00 62.09  ? 488 ASN A C   1 
ATOM   4   O O   . ASN A 1 5  ? -2.966  -4.813  8.635   1.00 61.13  ? 488 ASN A O   1 
ATOM   5   C CB  . ASN A 1 5  ? -4.089  -1.967  9.016   1.00 87.28  ? 488 ASN A CB  1 
ATOM   6   C CG  . ASN A 1 5  ? -5.542  -2.131  8.576   1.00 91.27  ? 488 ASN A CG  1 
ATOM   7   O OD1 . ASN A 1 5  ? -6.346  -2.769  9.263   1.00 92.63  ? 488 ASN A OD1 1 
ATOM   8   N ND2 . ASN A 1 5  ? -5.889  -1.532  7.443   1.00 92.41  ? 488 ASN A ND2 1 
ATOM   9   N N   . ILE A 1 6  ? -4.851  -5.098  9.839   1.00 24.05  ? 489 ILE A N   1 
ATOM   10  C CA  . ILE A 1 6  ? -5.132  -6.425  9.323   1.00 21.67  ? 489 ILE A CA  1 
ATOM   11  C C   . ILE A 1 6  ? -5.296  -6.401  7.799   1.00 20.74  ? 489 ILE A C   1 
ATOM   12  O O   . ILE A 1 6  ? -4.679  -7.183  7.092   1.00 16.71  ? 489 ILE A O   1 
ATOM   13  C CB  . ILE A 1 6  ? -6.407  -7.008  10.024  1.00 25.88  ? 489 ILE A CB  1 
ATOM   14  C CG1 . ILE A 1 6  ? -6.104  -7.352  11.491  1.00 23.74  ? 489 ILE A CG1 1 
ATOM   15  C CG2 . ILE A 1 6  ? -6.885  -8.249  9.323   1.00 24.07  ? 489 ILE A CG2 1 
ATOM   16  C CD1 . ILE A 1 6  ? -5.127  -8.485  11.695  1.00 21.50  ? 489 ILE A CD1 1 
ATOM   17  N N   . MET A 1 7  ? -6.117  -5.481  7.305   1.00 33.12  ? 490 MET A N   1 
ATOM   18  C CA  . MET A 1 7  ? -6.348  -5.321  5.875   1.00 33.83  ? 490 MET A CA  1 
ATOM   19  C C   . MET A 1 7  ? -5.020  -5.136  5.151   1.00 31.85  ? 490 MET A C   1 
ATOM   20  O O   . MET A 1 7  ? -4.774  -5.751  4.111   1.00 31.71  ? 490 MET A O   1 
ATOM   21  C CB  . MET A 1 7  ? -7.229  -4.099  5.620   1.00 60.90  ? 490 MET A CB  1 
ATOM   22  C CG  . MET A 1 7  ? -8.634  -4.199  6.205   1.00 69.39  ? 490 MET A CG  1 
ATOM   23  S SD  . MET A 1 7  ? -9.771  -5.232  5.242   1.00 73.90  ? 490 MET A SD  1 
ATOM   24  C CE  . MET A 1 7  ? -10.369 -4.025  4.088   1.00 76.57  ? 490 MET A CE  1 
ATOM   25  N N   . TYR A 1 8  ? -4.157  -4.288  5.700   1.00 24.57  ? 491 TYR A N   1 
ATOM   26  C CA  . TYR A 1 8  ? -2.865  -4.071  5.079   1.00 24.26  ? 491 TYR A CA  1 
ATOM   27  C C   . TYR A 1 8  ? -2.032  -5.354  5.075   1.00 22.19  ? 491 TYR A C   1 
ATOM   28  O O   . TYR A 1 8  ? -1.343  -5.650  4.091   1.00 19.16  ? 491 TYR A O   1 
ATOM   29  C CB  . TYR A 1 8  ? -2.084  -2.961  5.774   1.00 71.69  ? 491 TYR A CB  1 
ATOM   30  C CG  . TYR A 1 8  ? -0.812  -2.698  5.020   1.00 78.07  ? 491 TYR A CG  1 
ATOM   31  C CD1 . TYR A 1 8  ? -0.855  -2.320  3.678   1.00 80.76  ? 491 TYR A CD1 1 
ATOM   32  C CD2 . TYR A 1 8  ? 0.432   -2.965  5.588   1.00 80.60  ? 491 TYR A CD2 1 
ATOM   33  C CE1 . TYR A 1 8  ? 0.304   -2.225  2.917   1.00 82.58  ? 491 TYR A CE1 1 
ATOM   34  C CE2 . TYR A 1 8  ? 1.598   -2.871  4.831   1.00 83.16  ? 491 TYR A CE2 1 
ATOM   35  C CZ  . TYR A 1 8  ? 1.523   -2.507  3.495   1.00 83.29  ? 491 TYR A CZ  1 
ATOM   36  O OH  . TYR A 1 8  ? 2.656   -2.455  2.722   1.00 85.49  ? 491 TYR A OH  1 
ATOM   37  N N   . ASP A 1 9  ? -2.088  -6.112  6.173   1.00 25.06  ? 492 ASP A N   1 
ATOM   38  C CA  . ASP A 1 9  ? -1.368  -7.376  6.240   1.00 22.87  ? 492 ASP A CA  1 
ATOM   39  C C   . ASP A 1 9  ? -1.790  -8.226  5.040   1.00 21.78  ? 492 ASP A C   1 
ATOM   40  O O   . ASP A 1 9  ? -0.960  -8.846  4.371   1.00 20.96  ? 492 ASP A O   1 
ATOM   41  C CB  . ASP A 1 9  ? -1.718  -8.155  7.515   1.00 33.68  ? 492 ASP A CB  1 
ATOM   42  C CG  . ASP A 1 9  ? -1.166  -7.524  8.769   1.00 33.23  ? 492 ASP A CG  1 
ATOM   43  O OD1 . ASP A 1 9  ? -0.200  -6.749  8.667   1.00 31.88  ? 492 ASP A OD1 1 
ATOM   44  O OD2 . ASP A 1 9  ? -1.691  -7.818  9.862   1.00 33.09  ? 492 ASP A OD2 1 
ATOM   45  N N   . MET A 1 10 ? -3.096  -8.253  4.791   1.00 20.21  ? 493 MET A N   1 
ATOM   46  C CA  . MET A 1 10 ? -3.663  -8.998  3.690   1.00 19.69  ? 493 MET A CA  1 
ATOM   47  C C   . MET A 1 10 ? -3.152  -8.460  2.355   1.00 20.05  ? 493 MET A C   1 
ATOM   48  O O   . MET A 1 10 ? -2.668  -9.216  1.507   1.00 18.41  ? 493 MET A O   1 
ATOM   49  C CB  . MET A 1 10 ? -5.176  -8.893  3.763   1.00 20.46  ? 493 MET A CB  1 
ATOM   50  C CG  . MET A 1 10 ? -5.769  -9.656  4.930   1.00 29.47  ? 493 MET A CG  1 
ATOM   51  S SD  . MET A 1 10 ? -7.558  -9.736  4.831   1.00 33.81  ? 493 MET A SD  1 
ATOM   52  C CE  . MET A 1 10 ? -8.046  -9.351  6.479   1.00 32.44  ? 493 MET A CE  1 
ATOM   53  N N   . ILE A 1 11 ? -3.268  -7.151  2.167   1.00 26.15  ? 494 ILE A N   1 
ATOM   54  C CA  . ILE A 1 11 ? -2.793  -6.528  0.943   1.00 26.97  ? 494 ILE A CA  1 
ATOM   55  C C   . ILE A 1 11 ? -1.316  -6.856  0.692   1.00 29.47  ? 494 ILE A C   1 
ATOM   56  O O   . ILE A 1 11 ? -0.939  -7.189  -0.423  1.00 26.81  ? 494 ILE A O   1 
ATOM   57  C CB  . ILE A 1 11 ? -2.963  -4.985  0.997   1.00 22.76  ? 494 ILE A CB  1 
ATOM   58  C CG1 . ILE A 1 11 ? -4.440  -4.601  0.895   1.00 17.14  ? 494 ILE A CG1 1 
ATOM   59  C CG2 . ILE A 1 11 ? -2.191  -4.349  -0.144  1.00 22.50  ? 494 ILE A CG2 1 
ATOM   60  C CD1 . ILE A 1 11 ? -4.741  -3.176  1.328   1.00 18.89  ? 494 ILE A CD1 1 
ATOM   61  N N   . SER A 1 12 ? -0.491  -6.758  1.732   1.00 35.99  ? 495 SER A N   1 
ATOM   62  C CA  . SER A 1 12 ? 0.942   -7.033  1.619   1.00 38.84  ? 495 SER A CA  1 
ATOM   63  C C   . SER A 1 12 ? 1.229   -8.491  1.274   1.00 37.28  ? 495 SER A C   1 
ATOM   64  O O   . SER A 1 12 ? 2.170   -8.792  0.539   1.00 36.76  ? 495 SER A O   1 
ATOM   65  C CB  . SER A 1 12 ? 1.660   -6.690  2.920   1.00 85.59  ? 495 SER A CB  1 
ATOM   66  O OG  . SER A 1 12 ? 1.425   -7.704  3.881   1.00 91.76  ? 495 SER A OG  1 
ATOM   67  N N   . ASP A 1 13 ? 0.433   -9.398  1.823   1.00 32.55  ? 496 ASP A N   1 
ATOM   68  C CA  . ASP A 1 13 ? 0.602   -10.814 1.525   1.00 34.50  ? 496 ASP A CA  1 
ATOM   69  C C   . ASP A 1 13 ? 0.400   -10.983 0.015   1.00 32.58  ? 496 ASP A C   1 
ATOM   70  O O   . ASP A 1 13 ? 1.256   -11.520 -0.685  1.00 32.74  ? 496 ASP A O   1 
ATOM   71  C CB  . ASP A 1 13 ? -0.437  -11.628 2.304   1.00 48.36  ? 496 ASP A CB  1 
ATOM   72  C CG  . ASP A 1 13 ? -0.425  -13.102 1.938   1.00 54.12  ? 496 ASP A CG  1 
ATOM   73  O OD1 . ASP A 1 13 ? 0.651   -13.730 2.008   1.00 58.34  ? 496 ASP A OD1 1 
ATOM   74  O OD2 . ASP A 1 13 ? -1.497  -13.636 1.580   1.00 57.83  ? 496 ASP A OD2 1 
ATOM   75  N N   . LEU A 1 14 ? -0.739  -10.500 -0.471  1.00 27.22  ? 497 LEU A N   1 
ATOM   76  C CA  . LEU A 1 14 ? -1.091  -10.568 -1.884  1.00 23.77  ? 497 LEU A CA  1 
ATOM   77  C C   . LEU A 1 14 ? 0.007   -10.039 -2.788  1.00 24.59  ? 497 LEU A C   1 
ATOM   78  O O   . LEU A 1 14 ? 0.237   -10.591 -3.860  1.00 25.70  ? 497 LEU A O   1 
ATOM   79  C CB  . LEU A 1 14 ? -2.379  -9.788  -2.139  1.00 26.24  ? 497 LEU A CB  1 
ATOM   80  C CG  . LEU A 1 14 ? -3.637  -10.404 -1.520  1.00 24.83  ? 497 LEU A CG  1 
ATOM   81  C CD1 . LEU A 1 14 ? -4.852  -9.492  -1.725  1.00 24.13  ? 497 LEU A CD1 1 
ATOM   82  C CD2 . LEU A 1 14 ? -3.847  -11.761 -2.141  1.00 23.55  ? 497 LEU A CD2 1 
ATOM   83  N N   . ASN A 1 15 ? 0.673   -8.968  -2.372  1.00 14.94  ? 498 ASN A N   1 
ATOM   84  C CA  . ASN A 1 15 ? 1.758   -8.403  -3.171  1.00 19.24  ? 498 ASN A CA  1 
ATOM   85  C C   . ASN A 1 15 ? 2.944   -9.354  -3.243  1.00 19.94  ? 498 ASN A C   1 
ATOM   86  O O   . ASN A 1 15 ? 3.603   -9.451  -4.278  1.00 19.54  ? 498 ASN A O   1 
ATOM   87  C CB  . ASN A 1 15 ? 2.270   -7.087  -2.587  1.00 43.43  ? 498 ASN A CB  1 
ATOM   88  C CG  . ASN A 1 15 ? 1.199   -6.052  -2.453  1.00 49.17  ? 498 ASN A CG  1 
ATOM   89  O OD1 . ASN A 1 15 ? 0.437   -5.806  -3.386  1.00 50.57  ? 498 ASN A OD1 1 
ATOM   90  N ND2 . ASN A 1 15 ? 1.135   -5.421  -1.286  1.00 52.53  ? 498 ASN A ND2 1 
ATOM   91  N N   . GLU A 1 16 ? 3.241   -10.013 -2.123  1.00 25.95  ? 499 GLU A N   1 
ATOM   92  C CA  . GLU A 1 16 ? 4.341   -10.971 -2.038  1.00 28.25  ? 499 GLU A CA  1 
ATOM   93  C C   . GLU A 1 16 ? 3.903   -12.162 -2.906  1.00 28.00  ? 499 GLU A C   1 
ATOM   94  O O   . GLU A 1 16 ? 4.676   -12.713 -3.699  1.00 24.80  ? 499 GLU A O   1 
ATOM   95  C CB  . GLU A 1 16 ? 4.525   -11.406 -0.579  1.00 87.19  ? 499 GLU A CB  1 
ATOM   96  C CG  . GLU A 1 16 ? 5.955   -11.773 -0.197  1.00 95.33  ? 499 GLU A CG  1 
ATOM   97  C CD  . GLU A 1 16 ? 6.081   -12.267 1.242   1.00 99.38  ? 499 GLU A CD  1 
ATOM   98  O OE1 . GLU A 1 16 ? 5.547   -13.356 1.549   1.00 103.12 ? 499 GLU A OE1 1 
ATOM   99  O OE2 . GLU A 1 16 ? 6.715   -11.567 2.065   1.00 101.72 ? 499 GLU A OE2 1 
ATOM   100 N N   . ARG A 1 17 ? 2.640   -12.541 -2.739  1.00 37.63  ? 500 ARG A N   1 
ATOM   101 C CA  . ARG A 1 17 ? 2.034   -13.620 -3.499  1.00 37.62  ? 500 ARG A CA  1 
ATOM   102 C C   . ARG A 1 17 ? 2.191   -13.252 -4.969  1.00 38.28  ? 500 ARG A C   1 
ATOM   103 O O   . ARG A 1 17 ? 2.844   -13.954 -5.736  1.00 38.34  ? 500 ARG A O   1 
ATOM   104 C CB  . ARG A 1 17 ? 0.552   -13.689 -3.179  1.00 34.15  ? 500 ARG A CB  1 
ATOM   105 C CG  . ARG A 1 17 ? -0.006  -15.064 -3.162  1.00 35.97  ? 500 ARG A CG  1 
ATOM   106 C CD  . ARG A 1 17 ? -0.084  -15.519 -1.733  1.00 37.44  ? 500 ARG A CD  1 
ATOM   107 N NE  . ARG A 1 17 ? -1.110  -14.802 -0.970  1.00 38.33  ? 500 ARG A NE  1 
ATOM   108 C CZ  . ARG A 1 17 ? -2.422  -14.943 -1.144  1.00 38.49  ? 500 ARG A CZ  1 
ATOM   109 N NH1 . ARG A 1 17 ? -3.272  -14.253 -0.399  1.00 37.78  ? 500 ARG A NH1 1 
ATOM   110 N NH2 . ARG A 1 17 ? -2.889  -15.775 -2.063  1.00 40.85  ? 500 ARG A NH2 1 
ATOM   111 N N   . SER A 1 18 ? 1.586   -12.124 -5.342  1.00 35.07  ? 501 SER A N   1 
ATOM   112 C CA  . SER A 1 18 ? 1.617   -11.614 -6.707  1.00 35.93  ? 501 SER A CA  1 
ATOM   113 C C   . SER A 1 18 ? 3.008   -11.501 -7.304  1.00 38.31  ? 501 SER A C   1 
ATOM   114 O O   . SER A 1 18 ? 3.209   -11.831 -8.471  1.00 38.42  ? 501 SER A O   1 
ATOM   115 C CB  . SER A 1 18 ? 0.936   -10.254 -6.762  1.00 27.18  ? 501 SER A CB  1 
ATOM   116 O OG  . SER A 1 18 ? -0.341  -10.332 -6.166  1.00 27.77  ? 501 SER A OG  1 
ATOM   117 N N   . GLU A 1 19 ? 3.966   -11.022 -6.518  1.00 44.38  ? 502 GLU A N   1 
ATOM   118 C CA  . GLU A 1 19 ? 5.338   -10.873 -7.000  1.00 47.44  ? 502 GLU A CA  1 
ATOM   119 C C   . GLU A 1 19 ? 5.897   -12.227 -7.409  1.00 47.09  ? 502 GLU A C   1 
ATOM   120 O O   . GLU A 1 19 ? 6.482   -12.376 -8.482  1.00 47.52  ? 502 GLU A O   1 
ATOM   121 C CB  . GLU A 1 19 ? 6.229   -10.251 -5.915  1.00 102.15 ? 502 GLU A CB  1 
ATOM   122 C CG  . GLU A 1 19 ? 6.532   -8.778  -6.134  1.00 108.06 ? 502 GLU A CG  1 
ATOM   123 C CD  . GLU A 1 19 ? 7.092   -8.514  -7.521  1.00 113.15 ? 502 GLU A CD  1 
ATOM   124 O OE1 . GLU A 1 19 ? 8.132   -9.114  -7.872  1.00 113.96 ? 502 GLU A OE1 1 
ATOM   125 O OE2 . GLU A 1 19 ? 6.487   -7.708  -8.260  1.00 114.70 ? 502 GLU A OE2 1 
ATOM   126 N N   . ASP A 1 20 ? 5.707   -13.210 -6.537  1.00 55.12  ? 503 ASP A N   1 
ATOM   127 C CA  . ASP A 1 20 ? 6.165   -14.569 -6.770  1.00 54.48  ? 503 ASP A CA  1 
ATOM   128 C C   . ASP A 1 20 ? 5.662   -15.093 -8.120  1.00 53.95  ? 503 ASP A C   1 
ATOM   129 O O   . ASP A 1 20 ? 6.393   -15.779 -8.839  1.00 52.85  ? 503 ASP A O   1 
ATOM   130 C CB  . ASP A 1 20 ? 5.670   -15.451 -5.623  1.00 51.26  ? 503 ASP A CB  1 
ATOM   131 C CG  . ASP A 1 20 ? 5.781   -16.920 -5.927  1.00 52.44  ? 503 ASP A CG  1 
ATOM   132 O OD1 . ASP A 1 20 ? 6.889   -17.379 -6.278  1.00 52.80  ? 503 ASP A OD1 1 
ATOM   133 O OD2 . ASP A 1 20 ? 4.751   -17.615 -5.805  1.00 55.08  ? 503 ASP A OD2 1 
ATOM   134 N N   . PHE A 1 21 ? 4.417   -14.753 -8.454  1.00 39.26  ? 504 PHE A N   1 
ATOM   135 C CA  . PHE A 1 21 ? 3.781   -15.157 -9.709  1.00 37.06  ? 504 PHE A CA  1 
ATOM   136 C C   . PHE A 1 21 ? 4.504   -14.597 -10.923 1.00 36.84  ? 504 PHE A C   1 
ATOM   137 O O   . PHE A 1 21 ? 4.806   -15.327 -11.866 1.00 36.28  ? 504 PHE A O   1 
ATOM   138 C CB  . PHE A 1 21 ? 2.335   -14.663 -9.750  1.00 35.75  ? 504 PHE A CB  1 
ATOM   139 C CG  . PHE A 1 21 ? 1.415   -15.360 -8.786  1.00 35.39  ? 504 PHE A CG  1 
ATOM   140 C CD1 . PHE A 1 21 ? 0.087   -14.962 -8.675  1.00 34.27  ? 504 PHE A CD1 1 
ATOM   141 C CD2 . PHE A 1 21 ? 1.865   -16.418 -7.999  1.00 34.10  ? 504 PHE A CD2 1 
ATOM   142 C CE1 . PHE A 1 21 ? -0.779  -15.612 -7.805  1.00 33.61  ? 504 PHE A CE1 1 
ATOM   143 C CE2 . PHE A 1 21 ? 1.005   -17.070 -7.131  1.00 34.16  ? 504 PHE A CE2 1 
ATOM   144 C CZ  . PHE A 1 21 ? -0.316  -16.663 -7.029  1.00 31.07  ? 504 PHE A CZ  1 
ATOM   145 N N   . GLU A 1 22 ? 4.755   -13.289 -10.888 1.00 31.66  ? 505 GLU A N   1 
ATOM   146 C CA  . GLU A 1 22 ? 5.425   -12.589 -11.970 1.00 32.73  ? 505 GLU A CA  1 
ATOM   147 C C   . GLU A 1 22 ? 6.700   -13.308 -12.370 1.00 31.74  ? 505 GLU A C   1 
ATOM   148 O O   . GLU A 1 22 ? 6.949   -13.486 -13.548 1.00 30.98  ? 505 GLU A O   1 
ATOM   149 C CB  . GLU A 1 22 ? 5.705   -11.132 -11.562 1.00 67.55  ? 505 GLU A CB  1 
ATOM   150 C CG  . GLU A 1 22 ? 4.547   -10.163 -11.903 1.00 75.87  ? 505 GLU A CG  1 
ATOM   151 C CD  . GLU A 1 22 ? 4.205   -9.136  -10.796 1.00 77.59  ? 505 GLU A CD  1 
ATOM   152 O OE1 . GLU A 1 22 ? 3.700   -9.532  -9.720  1.00 79.23  ? 505 GLU A OE1 1 
ATOM   153 O OE2 . GLU A 1 22 ? 4.431   -7.926  -11.008 1.00 77.58  ? 505 GLU A OE2 1 
ATOM   154 N N   . LYS A 1 23 ? 7.504   -13.729 -11.398 1.00 44.74  ? 506 LYS A N   1 
ATOM   155 C CA  . LYS A 1 23 ? 8.737   -14.455 -11.712 1.00 46.15  ? 506 LYS A CA  1 
ATOM   156 C C   . LYS A 1 23 ? 8.394   -15.792 -12.351 1.00 45.72  ? 506 LYS A C   1 
ATOM   157 O O   . LYS A 1 23 ? 8.770   -16.063 -13.492 1.00 46.14  ? 506 LYS A O   1 
ATOM   158 C CB  . LYS A 1 23 ? 9.572   -14.700 -10.454 1.00 50.87  ? 506 LYS A CB  1 
ATOM   159 C CG  . LYS A 1 23 ? 10.400  -13.506 -10.041 1.00 56.48  ? 506 LYS A CG  1 
ATOM   160 C CD  . LYS A 1 23 ? 9.905   -12.879 -8.749  1.00 61.45  ? 506 LYS A CD  1 
ATOM   161 C CE  . LYS A 1 23 ? 10.185  -13.769 -7.542  1.00 64.75  ? 506 LYS A CE  1 
ATOM   162 N NZ  . LYS A 1 23 ? 9.893   -13.060 -6.260  1.00 66.29  ? 506 LYS A NZ  1 
ATOM   163 N N   . ARG A 1 24 ? 7.669   -16.619 -11.608 1.00 35.34  ? 507 ARG A N   1 
ATOM   164 C CA  . ARG A 1 24 ? 7.269   -17.920 -12.100 1.00 33.26  ? 507 ARG A CA  1 
ATOM   165 C C   . ARG A 1 24 ? 6.706   -17.866 -13.513 1.00 31.58  ? 507 ARG A C   1 
ATOM   166 O O   . ARG A 1 24 ? 6.975   -18.759 -14.322 1.00 28.63  ? 507 ARG A O   1 
ATOM   167 C CB  . ARG A 1 24 ? 6.247   -18.545 -11.159 1.00 41.90  ? 507 ARG A CB  1 
ATOM   168 C CG  . ARG A 1 24 ? 6.857   -19.145 -9.918  1.00 43.82  ? 507 ARG A CG  1 
ATOM   169 C CD  . ARG A 1 24 ? 5.994   -20.280 -9.424  1.00 46.24  ? 507 ARG A CD  1 
ATOM   170 N NE  . ARG A 1 24 ? 5.063   -19.871 -8.379  1.00 51.74  ? 507 ARG A NE  1 
ATOM   171 C CZ  . ARG A 1 24 ? 4.116   -20.654 -7.876  1.00 53.70  ? 507 ARG A CZ  1 
ATOM   172 N NH1 . ARG A 1 24 ? 3.964   -21.891 -8.331  1.00 53.55  ? 507 ARG A NH1 1 
ATOM   173 N NH2 . ARG A 1 24 ? 3.334   -20.206 -6.902  1.00 55.40  ? 507 ARG A NH2 1 
ATOM   174 N N   . ILE A 1 25 ? 5.930   -16.820 -13.804 1.00 44.07  ? 508 ILE A N   1 
ATOM   175 C CA  . ILE A 1 25 ? 5.321   -16.639 -15.126 1.00 44.57  ? 508 ILE A CA  1 
ATOM   176 C C   . ILE A 1 25 ? 6.370   -16.337 -16.192 1.00 43.49  ? 508 ILE A C   1 
ATOM   177 O O   . ILE A 1 25 ? 6.328   -16.887 -17.291 1.00 39.81  ? 508 ILE A O   1 
ATOM   178 C CB  . ILE A 1 25 ? 4.291   -15.472 -15.143 1.00 45.18  ? 508 ILE A CB  1 
ATOM   179 C CG1 . ILE A 1 25 ? 3.191   -15.705 -14.100 1.00 47.91  ? 508 ILE A CG1 1 
ATOM   180 C CG2 . ILE A 1 25 ? 3.671   -15.354 -16.525 1.00 44.39  ? 508 ILE A CG2 1 
ATOM   181 C CD1 . ILE A 1 25 ? 2.443   -17.014 -14.257 1.00 51.30  ? 508 ILE A CD1 1 
ATOM   182 N N   . VAL A 1 26 ? 7.299   -15.450 -15.866 1.00 41.63  ? 509 VAL A N   1 
ATOM   183 C CA  . VAL A 1 26 ? 8.348   -15.075 -16.798 1.00 43.37  ? 509 VAL A CA  1 
ATOM   184 C C   . VAL A 1 26 ? 9.161   -16.313 -17.132 1.00 43.80  ? 509 VAL A C   1 
ATOM   185 O O   . VAL A 1 26 ? 9.399   -16.625 -18.306 1.00 44.43  ? 509 VAL A O   1 
ATOM   186 C CB  . VAL A 1 26 ? 9.285   -13.999 -16.190 1.00 40.91  ? 509 VAL A CB  1 
ATOM   187 C CG1 . VAL A 1 26 ? 10.270  -13.492 -17.243 1.00 41.75  ? 509 VAL A CG1 1 
ATOM   188 C CG2 . VAL A 1 26 ? 8.470   -12.844 -15.670 1.00 41.57  ? 509 VAL A CG2 1 
ATOM   189 N N   . THR A 1 27 ? 9.579   -17.027 -16.093 1.00 41.59  ? 510 THR A N   1 
ATOM   190 C CA  . THR A 1 27 ? 10.368  -18.222 -16.292 1.00 42.50  ? 510 THR A CA  1 
ATOM   191 C C   . THR A 1 27 ? 9.672   -19.192 -17.239 1.00 42.72  ? 510 THR A C   1 
ATOM   192 O O   . THR A 1 27 ? 10.244  -19.587 -18.258 1.00 41.69  ? 510 THR A O   1 
ATOM   193 C CB  . THR A 1 27 ? 10.659  -18.914 -14.964 1.00 39.70  ? 510 THR A CB  1 
ATOM   194 O OG1 . THR A 1 27 ? 11.288  -17.981 -14.081 1.00 39.34  ? 510 THR A OG1 1 
ATOM   195 C CG2 . THR A 1 27 ? 11.598  -20.102 -15.177 1.00 39.26  ? 510 THR A CG2 1 
ATOM   196 N N   . LEU A 1 28 ? 8.437   -19.567 -16.910 1.00 57.29  ? 511 LEU A N   1 
ATOM   197 C CA  . LEU A 1 28 ? 7.674   -20.483 -17.746 1.00 57.26  ? 511 LEU A CA  1 
ATOM   198 C C   . LEU A 1 28 ? 7.644   -20.017 -19.196 1.00 59.52  ? 511 LEU A C   1 
ATOM   199 O O   . LEU A 1 28 ? 7.954   -20.780 -20.116 1.00 60.15  ? 511 LEU A O   1 
ATOM   200 C CB  . LEU A 1 28 ? 6.242   -20.607 -17.238 1.00 30.46  ? 511 LEU A CB  1 
ATOM   201 C CG  . LEU A 1 28 ? 5.971   -21.523 -16.040 1.00 27.92  ? 511 LEU A CG  1 
ATOM   202 C CD1 . LEU A 1 28 ? 4.481   -21.473 -15.696 1.00 26.25  ? 511 LEU A CD1 1 
ATOM   203 C CD2 . LEU A 1 28 ? 6.396   -22.950 -16.372 1.00 23.58  ? 511 LEU A CD2 1 
ATOM   204 N N   . GLU A 1 29 ? 7.269   -18.763 -19.399 1.00 58.06  ? 512 GLU A N   1 
ATOM   205 C CA  . GLU A 1 29 ? 7.204   -18.203 -20.743 1.00 60.69  ? 512 GLU A CA  1 
ATOM   206 C C   . GLU A 1 29 ? 8.517   -18.369 -21.516 1.00 62.98  ? 512 GLU A C   1 
ATOM   207 O O   . GLU A 1 29 ? 8.502   -18.707 -22.703 1.00 63.14  ? 512 GLU A O   1 
ATOM   208 C CB  . GLU A 1 29 ? 6.812   -16.728 -20.661 1.00 49.30  ? 512 GLU A CB  1 
ATOM   209 C CG  . GLU A 1 29 ? 5.426   -16.526 -20.058 1.00 50.56  ? 512 GLU A CG  1 
ATOM   210 C CD  . GLU A 1 29 ? 5.104   -15.077 -19.782 1.00 48.25  ? 512 GLU A CD  1 
ATOM   211 O OE1 . GLU A 1 29 ? 5.908   -14.428 -19.080 1.00 47.73  ? 512 GLU A OE1 1 
ATOM   212 O OE2 . GLU A 1 29 ? 4.051   -14.597 -20.256 1.00 46.47  ? 512 GLU A OE2 1 
ATOM   213 N N   . THR A 1 30 ? 9.645   -18.139 -20.844 1.00 46.35  ? 513 THR A N   1 
ATOM   214 C CA  . THR A 1 30 ? 10.958  -18.274 -21.474 1.00 47.23  ? 513 THR A CA  1 
ATOM   215 C C   . THR A 1 30 ? 11.213  -19.714 -21.878 1.00 46.22  ? 513 THR A C   1 
ATOM   216 O O   . THR A 1 30 ? 11.538  -19.989 -23.026 1.00 44.95  ? 513 THR A O   1 
ATOM   217 C CB  . THR A 1 30 ? 12.087  -17.862 -20.538 1.00 65.78  ? 513 THR A CB  1 
ATOM   218 O OG1 . THR A 1 30 ? 11.878  -16.519 -20.091 1.00 65.73  ? 513 THR A OG1 1 
ATOM   219 C CG2 . THR A 1 30 ? 13.418  -17.958 -21.268 1.00 65.63  ? 513 THR A CG2 1 
ATOM   220 N N   . LYS A 1 31 ? 11.078  -20.630 -20.925 1.00 57.96  ? 514 LYS A N   1 
ATOM   221 C CA  . LYS A 1 31 ? 11.277  -22.045 -21.208 1.00 59.06  ? 514 LYS A CA  1 
ATOM   222 C C   . LYS A 1 31 ? 10.456  -22.417 -22.438 1.00 59.01  ? 514 LYS A C   1 
ATOM   223 O O   . LYS A 1 31 ? 10.984  -22.951 -23.411 1.00 59.48  ? 514 LYS A O   1 
ATOM   224 C CB  . LYS A 1 31 ? 10.815  -22.908 -20.031 1.00 93.65  ? 514 LYS A CB  1 
ATOM   225 C CG  . LYS A 1 31 ? 11.528  -22.652 -18.717 1.00 96.89  ? 514 LYS A CG  1 
ATOM   226 C CD  . LYS A 1 31 ? 10.957  -23.546 -17.617 1.00 100.52 ? 514 LYS A CD  1 
ATOM   227 C CE  . LYS A 1 31 ? 11.614  -23.282 -16.267 1.00 102.32 ? 514 LYS A CE  1 
ATOM   228 N NZ  . LYS A 1 31 ? 11.000  -24.095 -15.176 1.00 104.26 ? 514 LYS A NZ  1 
ATOM   229 N N   . LEU A 1 32 ? 9.159   -22.124 -22.382 1.00 45.78  ? 515 LEU A N   1 
ATOM   230 C CA  . LEU A 1 32 ? 8.248   -22.437 -23.479 1.00 45.19  ? 515 LEU A CA  1 
ATOM   231 C C   . LEU A 1 32 ? 8.827   -21.987 -24.814 1.00 45.79  ? 515 LEU A C   1 
ATOM   232 O O   . LEU A 1 32 ? 9.280   -22.804 -25.605 1.00 44.02  ? 515 LEU A O   1 
ATOM   233 C CB  . LEU A 1 32 ? 6.884   -21.760 -23.260 1.00 51.18  ? 515 LEU A CB  1 
ATOM   234 C CG  . LEU A 1 32 ? 5.635   -22.360 -23.944 1.00 51.07  ? 515 LEU A CG  1 
ATOM   235 C CD1 . LEU A 1 32 ? 4.403   -21.621 -23.467 1.00 49.68  ? 515 LEU A CD1 1 
ATOM   236 C CD2 . LEU A 1 32 ? 5.727   -22.281 -25.455 1.00 52.31  ? 515 LEU A CD2 1 
ATOM   237 N N   . GLU A 1 33 ? 8.803   -20.683 -25.060 1.00 56.90  ? 516 GLU A N   1 
ATOM   238 C CA  . GLU A 1 33 ? 9.309   -20.148 -26.312 1.00 59.27  ? 516 GLU A CA  1 
ATOM   239 C C   . GLU A 1 33 ? 10.653  -20.768 -26.671 1.00 59.95  ? 516 GLU A C   1 
ATOM   240 O O   . GLU A 1 33 ? 10.895  -21.108 -27.831 1.00 58.26  ? 516 GLU A O   1 
ATOM   241 C CB  . GLU A 1 33 ? 9.425   -18.625 -26.222 1.00 90.75  ? 516 GLU A CB  1 
ATOM   242 C CG  . GLU A 1 33 ? 10.339  -18.127 -25.121 1.00 94.35  ? 516 GLU A CG  1 
ATOM   243 C CD  . GLU A 1 33 ? 10.329  -16.614 -25.003 1.00 97.46  ? 516 GLU A CD  1 
ATOM   244 O OE1 . GLU A 1 33 ? 11.102  -16.071 -24.183 1.00 98.88  ? 516 GLU A OE1 1 
ATOM   245 O OE2 . GLU A 1 33 ? 9.542   -15.966 -25.726 1.00 97.77  ? 516 GLU A OE2 1 
ATOM   246 N N   . THR A 1 34 ? 11.515  -20.931 -25.671 1.00 86.47  ? 517 THR A N   1 
ATOM   247 C CA  . THR A 1 34 ? 12.838  -21.513 -25.884 1.00 86.54  ? 517 THR A CA  1 
ATOM   248 C C   . THR A 1 34 ? 12.739  -22.928 -26.452 1.00 85.67  ? 517 THR A C   1 
ATOM   249 O O   . THR A 1 34 ? 13.294  -23.214 -27.511 1.00 85.72  ? 517 THR A O   1 
ATOM   250 C CB  . THR A 1 34 ? 13.646  -21.550 -24.573 1.00 56.28  ? 517 THR A CB  1 
ATOM   251 O OG1 . THR A 1 34 ? 13.761  -20.221 -24.048 1.00 56.85  ? 517 THR A OG1 1 
ATOM   252 C CG2 . THR A 1 34 ? 15.041  -22.109 -24.825 1.00 56.60  ? 517 THR A CG2 1 
ATOM   253 N N   . LEU A 1 35 ? 12.040  -23.812 -25.745 1.00 37.83  ? 518 LEU A N   1 
ATOM   254 C CA  . LEU A 1 35 ? 11.866  -25.175 -26.212 1.00 35.78  ? 518 LEU A CA  1 
ATOM   255 C C   . LEU A 1 35 ? 11.302  -25.142 -27.624 1.00 33.94  ? 518 LEU A C   1 
ATOM   256 O O   . LEU A 1 35 ? 11.662  -25.965 -28.455 1.00 31.80  ? 518 LEU A O   1 
ATOM   257 C CB  . LEU A 1 35 ? 10.917  -25.946 -25.291 1.00 56.06  ? 518 LEU A CB  1 
ATOM   258 C CG  . LEU A 1 35 ? 10.313  -27.245 -25.848 1.00 58.09  ? 518 LEU A CG  1 
ATOM   259 C CD1 . LEU A 1 35 ? 11.414  -28.206 -26.246 1.00 57.41  ? 518 LEU A CD1 1 
ATOM   260 C CD2 . LEU A 1 35 ? 9.409   -27.881 -24.811 1.00 58.95  ? 518 LEU A CD2 1 
ATOM   261 N N   . ILE A 1 36 ? 10.420  -24.187 -27.894 1.00 43.48  ? 519 ILE A N   1 
ATOM   262 C CA  . ILE A 1 36 ? 9.830   -24.067 -29.218 1.00 44.27  ? 519 ILE A CA  1 
ATOM   263 C C   . ILE A 1 36 ? 10.895  -23.631 -30.213 1.00 43.67  ? 519 ILE A C   1 
ATOM   264 O O   . ILE A 1 36 ? 10.895  -24.072 -31.361 1.00 43.15  ? 519 ILE A O   1 
ATOM   265 C CB  . ILE A 1 36 ? 8.684   -23.045 -29.240 1.00 81.33  ? 519 ILE A CB  1 
ATOM   266 C CG1 . ILE A 1 36 ? 7.552   -23.516 -28.330 1.00 83.63  ? 519 ILE A CG1 1 
ATOM   267 C CG2 . ILE A 1 36 ? 8.169   -22.864 -30.668 1.00 80.19  ? 519 ILE A CG2 1 
ATOM   268 C CD1 . ILE A 1 36 ? 6.312   -22.663 -28.441 1.00 87.33  ? 519 ILE A CD1 1 
ATOM   269 N N   . GLY A 1 37 ? 11.792  -22.751 -29.774 1.00 36.61  ? 520 GLY A N   1 
ATOM   270 C CA  . GLY A 1 37 ? 12.868  -22.299 -30.640 1.00 36.96  ? 520 GLY A CA  1 
ATOM   271 C C   . GLY A 1 37 ? 13.880  -23.425 -30.821 1.00 38.13  ? 520 GLY A C   1 
ATOM   272 O O   . GLY A 1 37 ? 14.456  -23.598 -31.897 1.00 36.91  ? 520 GLY A O   1 
ATOM   273 N N   . SER A 1 38 ? 14.073  -24.207 -29.762 1.00 55.58  ? 521 SER A N   1 
ATOM   274 C CA  . SER A 1 38 ? 14.997  -25.337 -29.750 1.00 57.42  ? 521 SER A CA  1 
ATOM   275 C C   . SER A 1 38 ? 14.504  -26.509 -30.600 1.00 59.24  ? 521 SER A C   1 
ATOM   276 O O   . SER A 1 38 ? 15.218  -27.495 -30.805 1.00 60.08  ? 521 SER A O   1 
ATOM   277 C CB  . SER A 1 38 ? 15.214  -25.797 -28.306 1.00 72.31  ? 521 SER A CB  1 
ATOM   278 O OG  . SER A 1 38 ? 15.820  -24.784 -27.517 1.00 72.76  ? 521 SER A OG  1 
ATOM   279 N N   . ILE A 1 39 ? 13.273  -26.394 -31.078 1.00 61.38  ? 522 ILE A N   1 
ATOM   280 C CA  . ILE A 1 39 ? 12.665  -27.406 -31.925 1.00 64.25  ? 522 ILE A CA  1 
ATOM   281 C C   . ILE A 1 39 ? 12.665  -26.877 -33.354 1.00 66.86  ? 522 ILE A C   1 
ATOM   282 O O   . ILE A 1 39 ? 13.296  -27.457 -34.236 1.00 67.18  ? 522 ILE A O   1 
ATOM   283 C CB  . ILE A 1 39 ? 11.212  -27.680 -31.516 1.00 46.51  ? 522 ILE A CB  1 
ATOM   284 C CG1 . ILE A 1 39 ? 11.151  -28.269 -30.103 1.00 46.40  ? 522 ILE A CG1 1 
ATOM   285 C CG2 . ILE A 1 39 ? 10.558  -28.614 -32.530 1.00 46.70  ? 522 ILE A CG2 1 
ATOM   286 C CD1 . ILE A 1 39 ? 9.736   -28.471 -29.590 1.00 45.91  ? 522 ILE A CD1 1 
ATOM   287 N N   . HIS A 1 40 ? 11.952  -25.778 -33.577 1.00 76.52  ? 523 HIS A N   1 
ATOM   288 C CA  . HIS A 1 40 ? 11.901  -25.176 -34.899 1.00 80.50  ? 523 HIS A CA  1 
ATOM   289 C C   . HIS A 1 40 ? 13.321  -25.047 -35.429 1.00 82.59  ? 523 HIS A C   1 
ATOM   290 O O   . HIS A 1 40 ? 13.717  -25.779 -36.327 1.00 83.52  ? 523 HIS A O   1 
ATOM   291 C CB  . HIS A 1 40 ? 11.245  -23.789 -34.831 1.00 126.58 ? 523 HIS A CB  1 
ATOM   292 C CG  . HIS A 1 40 ? 9.755   -23.823 -34.731 1.00 128.48 ? 523 HIS A CG  1 
ATOM   293 N ND1 . HIS A 1 40 ? 8.999   -22.766 -34.268 1.00 129.23 ? 523 HIS A ND1 1 
ATOM   294 C CD2 . HIS A 1 40 ? 8.864   -24.802 -35.040 1.00 128.63 ? 523 HIS A CD2 1 
ATOM   295 C CE1 . HIS A 1 40 ? 7.719   -23.088 -34.287 1.00 129.24 ? 523 HIS A CE1 1 
ATOM   296 N NE2 . HIS A 1 40 ? 7.615   -24.324 -34.755 1.00 129.79 ? 523 HIS A NE2 1 
ATOM   297 N N   . ALA A 1 41 ? 14.084  -24.128 -34.847 1.00 131.82 ? 524 ALA A N   1 
ATOM   298 C CA  . ALA A 1 41 ? 15.462  -23.873 -35.256 1.00 133.22 ? 524 ALA A CA  1 
ATOM   299 C C   . ALA A 1 41 ? 16.141  -25.073 -35.908 1.00 134.33 ? 524 ALA A C   1 
ATOM   300 O O   . ALA A 1 41 ? 15.972  -25.326 -37.105 1.00 134.47 ? 524 ALA A O   1 
ATOM   301 C CB  . ALA A 1 41 ? 16.283  -23.403 -34.059 1.00 92.62  ? 524 ALA A CB  1 
ATOM   302 N N   . LEU A 1 42 ? 16.918  -25.805 -35.118 1.00 70.75  ? 525 LEU A N   1 
ATOM   303 C CA  . LEU A 1 42 ? 17.629  -26.969 -35.619 1.00 72.75  ? 525 LEU A CA  1 
ATOM   304 C C   . LEU A 1 42 ? 16.861  -28.220 -35.198 1.00 74.47  ? 525 LEU A C   1 
ATOM   305 O O   . LEU A 1 42 ? 16.007  -28.159 -34.308 1.00 74.49  ? 525 LEU A O   1 
ATOM   306 C CB  . LEU A 1 42 ? 19.059  -26.984 -35.053 1.00 88.09  ? 525 LEU A CB  1 
ATOM   307 C CG  . LEU A 1 42 ? 20.028  -25.856 -35.461 1.00 87.10  ? 525 LEU A CG  1 
ATOM   308 C CD1 . LEU A 1 42 ? 21.172  -25.783 -34.465 1.00 87.09  ? 525 LEU A CD1 1 
ATOM   309 C CD2 . LEU A 1 42 ? 20.570  -26.089 -36.863 1.00 86.25  ? 525 LEU A CD2 1 
ATOM   310 N N   . PRO A 1 43 ? 17.151  -29.374 -35.832 1.00 159.08 ? 526 PRO A N   1 
ATOM   311 C CA  . PRO A 1 43 ? 16.458  -30.625 -35.498 1.00 159.56 ? 526 PRO A CA  1 
ATOM   312 C C   . PRO A 1 43 ? 15.937  -30.715 -34.052 1.00 158.58 ? 526 PRO A C   1 
ATOM   313 O O   . PRO A 1 43 ? 14.699  -30.747 -33.884 1.00 157.25 ? 526 PRO A O   1 
ATOM   314 C CB  . PRO A 1 43 ? 17.507  -31.683 -35.836 1.00 81.96  ? 526 PRO A CB  1 
ATOM   315 C CG  . PRO A 1 43 ? 18.128  -31.109 -37.084 1.00 80.06  ? 526 PRO A CG  1 
ATOM   316 C CD  . PRO A 1 43 ? 18.293  -29.634 -36.736 1.00 79.99  ? 526 PRO A CD  1 
ATOM   317 O OXT . PRO A 1 43 ? 16.752  -30.735 -33.105 1.00 80.37  ? 526 PRO A OXT 1 
ATOM   318 N N   . ASN B 1 5  ? 5.001   -5.010  -0.433  1.00 94.54  ? 488 ASN B N   1 
ATOM   319 C CA  . ASN B 1 5  ? 6.309   -4.810  -1.130  1.00 93.86  ? 488 ASN B CA  1 
ATOM   320 C C   . ASN B 1 5  ? 7.270   -3.951  -0.299  1.00 92.20  ? 488 ASN B C   1 
ATOM   321 O O   . ASN B 1 5  ? 6.901   -3.422  0.751   1.00 90.99  ? 488 ASN B O   1 
ATOM   322 C CB  . ASN B 1 5  ? 6.078   -4.157  -2.498  1.00 108.07 ? 488 ASN B CB  1 
ATOM   323 C CG  . ASN B 1 5  ? 7.319   -4.171  -3.364  1.00 109.22 ? 488 ASN B CG  1 
ATOM   324 O OD1 . ASN B 1 5  ? 7.929   -5.220  -3.572  1.00 110.39 ? 488 ASN B OD1 1 
ATOM   325 N ND2 . ASN B 1 5  ? 7.696   -3.007  -3.879  1.00 110.51 ? 488 ASN B ND2 1 
ATOM   326 N N   . ILE B 1 6  ? 8.506   -3.822  -0.771  1.00 93.61  ? 489 ILE B N   1 
ATOM   327 C CA  . ILE B 1 6  ? 9.513   -3.032  -0.072  1.00 90.79  ? 489 ILE B CA  1 
ATOM   328 C C   . ILE B 1 6  ? 9.077   -1.561  0.011   1.00 87.59  ? 489 ILE B C   1 
ATOM   329 O O   . ILE B 1 6  ? 9.284   -0.902  1.031   1.00 86.88  ? 489 ILE B O   1 
ATOM   330 C CB  . ILE B 1 6  ? 10.906  -3.162  -0.781  1.00 58.17  ? 489 ILE B CB  1 
ATOM   331 C CG1 . ILE B 1 6  ? 10.883  -2.492  -2.165  1.00 59.07  ? 489 ILE B CG1 1 
ATOM   332 C CG2 . ILE B 1 6  ? 11.269  -4.647  -0.934  1.00 55.18  ? 489 ILE B CG2 1 
ATOM   333 C CD1 . ILE B 1 6  ? 12.221  -2.528  -2.905  1.00 60.52  ? 489 ILE B CD1 1 
ATOM   334 N N   . MET B 1 7  ? 8.453   -1.077  -1.065  1.00 59.59  ? 490 MET B N   1 
ATOM   335 C CA  . MET B 1 7  ? 7.953   0.295   -1.181  1.00 55.35  ? 490 MET B CA  1 
ATOM   336 C C   . MET B 1 7  ? 6.572   0.407   -0.560  1.00 51.71  ? 490 MET B C   1 
ATOM   337 O O   . MET B 1 7  ? 6.219   1.431   0.025   1.00 50.20  ? 490 MET B O   1 
ATOM   338 C CB  . MET B 1 7  ? 7.834   0.699   -2.653  1.00 56.95  ? 490 MET B CB  1 
ATOM   339 C CG  . MET B 1 7  ? 9.122   1.103   -3.338  1.00 60.72  ? 490 MET B CG  1 
ATOM   340 S SD  . MET B 1 7  ? 9.690   2.718   -2.799  1.00 64.75  ? 490 MET B SD  1 
ATOM   341 C CE  . MET B 1 7  ? 10.936  2.259   -1.685  1.00 64.10  ? 490 MET B CE  1 
ATOM   342 N N   . TYR B 1 8  ? 5.784   -0.649  -0.717  1.00 36.89  ? 491 TYR B N   1 
ATOM   343 C CA  . TYR B 1 8  ? 4.431   -0.678  -0.185  1.00 33.27  ? 491 TYR B CA  1 
ATOM   344 C C   . TYR B 1 8  ? 4.370   -0.398  1.333   1.00 30.23  ? 491 TYR B C   1 
ATOM   345 O O   . TYR B 1 8  ? 3.517   0.364   1.793   1.00 28.52  ? 491 TYR B O   1 
ATOM   346 C CB  . TYR B 1 8  ? 3.791   -2.025  -0.528  1.00 55.41  ? 491 TYR B CB  1 
ATOM   347 C CG  . TYR B 1 8  ? 2.849   -2.013  -1.728  1.00 58.72  ? 491 TYR B CG  1 
ATOM   348 C CD1 . TYR B 1 8  ? 3.236   -1.489  -2.968  1.00 58.17  ? 491 TYR B CD1 1 
ATOM   349 C CD2 . TYR B 1 8  ? 1.564   -2.552  -1.618  1.00 59.92  ? 491 TYR B CD2 1 
ATOM   350 C CE1 . TYR B 1 8  ? 2.348   -1.508  -4.064  1.00 59.44  ? 491 TYR B CE1 1 
ATOM   351 C CE2 . TYR B 1 8  ? 0.680   -2.575  -2.696  1.00 59.71  ? 491 TYR B CE2 1 
ATOM   352 C CZ  . TYR B 1 8  ? 1.067   -2.054  -3.910  1.00 59.33  ? 491 TYR B CZ  1 
ATOM   353 O OH  . TYR B 1 8  ? 0.150   -2.071  -4.943  1.00 57.72  ? 491 TYR B OH  1 
ATOM   354 N N   . ASP B 1 9  ? 5.278   -1.002  2.103   1.00 37.36  ? 492 ASP B N   1 
ATOM   355 C CA  . ASP B 1 9  ? 5.309   -0.801  3.552   1.00 34.66  ? 492 ASP B CA  1 
ATOM   356 C C   . ASP B 1 9  ? 5.512   0.673   3.888   1.00 31.87  ? 492 ASP B C   1 
ATOM   357 O O   . ASP B 1 9  ? 4.805   1.243   4.724   1.00 30.00  ? 492 ASP B O   1 
ATOM   358 C CB  . ASP B 1 9  ? 6.441   -1.614  4.202   1.00 62.58  ? 492 ASP B CB  1 
ATOM   359 C CG  . ASP B 1 9  ? 6.254   -3.121  4.058   1.00 65.45  ? 492 ASP B CG  1 
ATOM   360 O OD1 . ASP B 1 9  ? 5.151   -3.623  4.354   1.00 66.57  ? 492 ASP B OD1 1 
ATOM   361 O OD2 . ASP B 1 9  ? 7.219   -3.812  3.656   1.00 69.42  ? 492 ASP B OD2 1 
ATOM   362 N N   . MET B 1 10 ? 6.490   1.286   3.230   1.00 29.97  ? 493 MET B N   1 
ATOM   363 C CA  . MET B 1 10 ? 6.806   2.689   3.448   1.00 27.05  ? 493 MET B CA  1 
ATOM   364 C C   . MET B 1 10 ? 5.600   3.583   3.178   1.00 23.27  ? 493 MET B C   1 
ATOM   365 O O   . MET B 1 10 ? 5.332   4.518   3.933   1.00 22.40  ? 493 MET B O   1 
ATOM   366 C CB  . MET B 1 10 ? 8.002   3.074   2.569   1.00 37.00  ? 493 MET B CB  1 
ATOM   367 C CG  . MET B 1 10 ? 9.281   2.335   2.994   1.00 40.69  ? 493 MET B CG  1 
ATOM   368 S SD  . MET B 1 10 ? 10.821  2.906   2.246   1.00 45.21  ? 493 MET B SD  1 
ATOM   369 C CE  . MET B 1 10 ? 11.330  1.429   1.373   1.00 45.33  ? 493 MET B CE  1 
ATOM   370 N N   . ILE B 1 11 ? 4.871   3.279   2.109   1.00 22.53  ? 494 ILE B N   1 
ATOM   371 C CA  . ILE B 1 11 ? 3.681   4.027   1.734   1.00 22.86  ? 494 ILE B CA  1 
ATOM   372 C C   . ILE B 1 11 ? 2.644   3.875   2.839   1.00 25.10  ? 494 ILE B C   1 
ATOM   373 O O   . ILE B 1 11 ? 2.010   4.841   3.268   1.00 25.78  ? 494 ILE B O   1 
ATOM   374 C CB  . ILE B 1 11 ? 3.103   3.481   0.404   1.00 22.96  ? 494 ILE B CB  1 
ATOM   375 C CG1 . ILE B 1 11 ? 3.973   3.942   -0.781  1.00 24.58  ? 494 ILE B CG1 1 
ATOM   376 C CG2 . ILE B 1 11 ? 1.650   3.887   0.260   1.00 19.32  ? 494 ILE B CG2 1 
ATOM   377 C CD1 . ILE B 1 11 ? 4.217   5.444   -0.852  1.00 31.94  ? 494 ILE B CD1 1 
ATOM   378 N N   . SER B 1 12 ? 2.502   2.639   3.302   1.00 26.30  ? 495 SER B N   1 
ATOM   379 C CA  . SER B 1 12 ? 1.568   2.281   4.361   1.00 26.86  ? 495 SER B CA  1 
ATOM   380 C C   . SER B 1 12 ? 1.906   2.996   5.663   1.00 27.37  ? 495 SER B C   1 
ATOM   381 O O   . SER B 1 12 ? 1.051   3.652   6.246   1.00 26.38  ? 495 SER B O   1 
ATOM   382 C CB  . SER B 1 12 ? 1.598   0.770   4.580   1.00 29.77  ? 495 SER B CB  1 
ATOM   383 O OG  . SER B 1 12 ? 0.785   0.408   5.681   1.00 32.25  ? 495 SER B OG  1 
ATOM   384 N N   . ASP B 1 13 ? 3.149   2.889   6.121   1.00 38.31  ? 496 ASP B N   1 
ATOM   385 C CA  . ASP B 1 13 ? 3.526   3.563   7.357   1.00 40.31  ? 496 ASP B CA  1 
ATOM   386 C C   . ASP B 1 13 ? 3.386   5.089   7.237   1.00 39.27  ? 496 ASP B C   1 
ATOM   387 O O   . ASP B 1 13 ? 3.035   5.773   8.204   1.00 37.16  ? 496 ASP B O   1 
ATOM   388 C CB  . ASP B 1 13 ? 4.957   3.199   7.771   1.00 79.55  ? 496 ASP B CB  1 
ATOM   389 C CG  . ASP B 1 13 ? 5.115   1.723   8.128   1.00 86.44  ? 496 ASP B CG  1 
ATOM   390 O OD1 . ASP B 1 13 ? 4.092   1.007   8.222   1.00 91.13  ? 496 ASP B OD1 1 
ATOM   391 O OD2 . ASP B 1 13 ? 6.267   1.281   8.328   1.00 89.45  ? 496 ASP B OD2 1 
ATOM   392 N N   . LEU B 1 14 ? 3.654   5.623   6.049   1.00 28.44  ? 497 LEU B N   1 
ATOM   393 C CA  . LEU B 1 14 ? 3.538   7.055   5.807   1.00 27.27  ? 497 LEU B CA  1 
ATOM   394 C C   . LEU B 1 14 ? 2.074   7.463   5.935   1.00 29.23  ? 497 LEU B C   1 
ATOM   395 O O   . LEU B 1 14 ? 1.758   8.504   6.516   1.00 27.89  ? 497 LEU B O   1 
ATOM   396 C CB  . LEU B 1 14 ? 4.051   7.371   4.405   1.00 29.99  ? 497 LEU B CB  1 
ATOM   397 C CG  . LEU B 1 14 ? 5.124   8.446   4.216   1.00 29.84  ? 497 LEU B CG  1 
ATOM   398 C CD1 . LEU B 1 14 ? 5.965   8.644   5.463   1.00 27.49  ? 497 LEU B CD1 1 
ATOM   399 C CD2 . LEU B 1 14 ? 5.971   8.033   3.029   1.00 24.09  ? 497 LEU B CD2 1 
ATOM   400 N N   . ASN B 1 15 ? 1.187   6.627   5.393   1.00 27.36  ? 498 ASN B N   1 
ATOM   401 C CA  . ASN B 1 15 ? -0.253  6.883   5.434   1.00 28.28  ? 498 ASN B CA  1 
ATOM   402 C C   . ASN B 1 15 ? -0.782  6.810   6.874   1.00 31.28  ? 498 ASN B C   1 
ATOM   403 O O   . ASN B 1 15 ? -1.468  7.729   7.332   1.00 30.05  ? 498 ASN B O   1 
ATOM   404 C CB  . ASN B 1 15 ? -0.979  5.862   4.554   1.00 24.89  ? 498 ASN B CB  1 
ATOM   405 C CG  . ASN B 1 15 ? -2.442  6.225   4.297   1.00 26.25  ? 498 ASN B CG  1 
ATOM   406 O OD1 . ASN B 1 15 ? -3.331  5.397   4.466   1.00 25.93  ? 498 ASN B OD1 1 
ATOM   407 N ND2 . ASN B 1 15 ? -2.690  7.454   3.867   1.00 24.72  ? 498 ASN B ND2 1 
ATOM   408 N N   . GLU B 1 16 ? -0.460  5.721   7.582   1.00 25.87  ? 499 GLU B N   1 
ATOM   409 C CA  . GLU B 1 16 ? -0.900  5.513   8.969   1.00 29.83  ? 499 GLU B CA  1 
ATOM   410 C C   . GLU B 1 16 ? -0.570  6.702   9.880   1.00 30.39  ? 499 GLU B C   1 
ATOM   411 O O   . GLU B 1 16 ? -1.310  6.986   10.826  1.00 28.67  ? 499 GLU B O   1 
ATOM   412 C CB  . GLU B 1 16 ? -0.268  4.240   9.544   1.00 119.63 ? 499 GLU B CB  1 
ATOM   413 C CG  . GLU B 1 16 ? -0.798  2.946   8.938   1.00 127.80 ? 499 GLU B CG  1 
ATOM   414 C CD  . GLU B 1 16 ? -0.137  1.702   9.521   1.00 132.23 ? 499 GLU B CD  1 
ATOM   415 O OE1 . GLU B 1 16 ? 1.073   1.491   9.282   1.00 134.67 ? 499 GLU B OE1 1 
ATOM   416 O OE2 . GLU B 1 16 ? -0.834  0.936   10.222  1.00 133.26 ? 499 GLU B OE2 1 
ATOM   417 N N   . ARG B 1 17 ? 0.542   7.387   9.599   1.00 44.21  ? 500 ARG B N   1 
ATOM   418 C CA  . ARG B 1 17 ? 0.954   8.560   10.373  1.00 45.07  ? 500 ARG B CA  1 
ATOM   419 C C   . ARG B 1 17 ? 0.064   9.715   9.969   1.00 44.78  ? 500 ARG B C   1 
ATOM   420 O O   . ARG B 1 17 ? -0.426  10.465  10.821  1.00 43.43  ? 500 ARG B O   1 
ATOM   421 C CB  . ARG B 1 17 ? 2.407   8.943   10.078  1.00 50.92  ? 500 ARG B CB  1 
ATOM   422 C CG  . ARG B 1 17 ? 3.449   7.981   10.607  1.00 54.07  ? 500 ARG B CG  1 
ATOM   423 C CD  . ARG B 1 17 ? 4.835   8.558   10.392  1.00 57.93  ? 500 ARG B CD  1 
ATOM   424 N NE  . ARG B 1 17 ? 4.999   9.824   11.107  1.00 60.13  ? 500 ARG B NE  1 
ATOM   425 C CZ  . ARG B 1 17 ? 6.093   10.581  11.069  1.00 60.76  ? 500 ARG B CZ  1 
ATOM   426 N NH1 . ARG B 1 17 ? 7.138   10.210  10.344  1.00 59.67  ? 500 ARG B NH1 1 
ATOM   427 N NH2 . ARG B 1 17 ? 6.138   11.714  11.759  1.00 61.06  ? 500 ARG B NH2 1 
ATOM   428 N N   . SER B 1 18 ? -0.127  9.848   8.656   1.00 42.24  ? 501 SER B N   1 
ATOM   429 C CA  . SER B 1 18 ? -0.961  10.894  8.061   1.00 44.04  ? 501 SER B CA  1 
ATOM   430 C C   . SER B 1 18 ? -2.384  10.850  8.658   1.00 45.78  ? 501 SER B C   1 
ATOM   431 O O   . SER B 1 18 ? -2.953  11.884  9.001   1.00 44.20  ? 501 SER B O   1 
ATOM   432 C CB  . SER B 1 18 ? -1.021  10.696  6.535   1.00 40.09  ? 501 SER B CB  1 
ATOM   433 O OG  . SER B 1 18 ? -1.787  11.709  5.903   1.00 39.05  ? 501 SER B OG  1 
ATOM   434 N N   . GLU B 1 19 ? -2.943  9.645   8.778   1.00 70.44  ? 502 GLU B N   1 
ATOM   435 C CA  . GLU B 1 19 ? -4.280  9.475   9.331   1.00 73.34  ? 502 GLU B CA  1 
ATOM   436 C C   . GLU B 1 19 ? -4.353  9.929   10.790  1.00 73.62  ? 502 GLU B C   1 
ATOM   437 O O   . GLU B 1 19 ? -5.382  10.462  11.231  1.00 73.32  ? 502 GLU B O   1 
ATOM   438 C CB  . GLU B 1 19 ? -4.742  8.012   9.217   1.00 72.82  ? 502 GLU B CB  1 
ATOM   439 C CG  . GLU B 1 19 ? -5.157  7.625   7.796   1.00 76.76  ? 502 GLU B CG  1 
ATOM   440 C CD  . GLU B 1 19 ? -5.380  6.137   7.641   1.00 78.71  ? 502 GLU B CD  1 
ATOM   441 O OE1 . GLU B 1 19 ? -5.131  5.385   8.612   1.00 80.02  ? 502 GLU B OE1 1 
ATOM   442 O OE2 . GLU B 1 19 ? -5.798  5.722   6.544   1.00 79.35  ? 502 GLU B OE2 1 
ATOM   443 N N   . ASP B 1 20 ? -3.275  9.689   11.539  1.00 98.43  ? 503 ASP B N   1 
ATOM   444 C CA  . ASP B 1 20 ? -3.178  10.075  12.951  1.00 99.12  ? 503 ASP B CA  1 
ATOM   445 C C   . ASP B 1 20 ? -3.327  11.596  13.011  1.00 97.50  ? 503 ASP B C   1 
ATOM   446 O O   . ASP B 1 20 ? -4.179  12.128  13.733  1.00 98.27  ? 503 ASP B O   1 
ATOM   447 C CB  . ASP B 1 20 ? -1.811  9.621   13.514  1.00 107.06 ? 503 ASP B CB  1 
ATOM   448 C CG  . ASP B 1 20 ? -1.562  10.085  14.950  1.00 109.79 ? 503 ASP B CG  1 
ATOM   449 O OD1 . ASP B 1 20 ? -2.519  10.107  15.740  1.00 112.67 ? 503 ASP B OD1 1 
ATOM   450 O OD2 . ASP B 1 20 ? -0.413  10.440  15.284  1.00 112.00 ? 503 ASP B OD2 1 
ATOM   451 N N   . PHE B 1 21 ? -2.508  12.285  12.220  1.00 42.90  ? 504 PHE B N   1 
ATOM   452 C CA  . PHE B 1 21 ? -2.527  13.746  12.138  1.00 40.85  ? 504 PHE B CA  1 
ATOM   453 C C   . PHE B 1 21 ? -3.920  14.288  11.823  1.00 39.42  ? 504 PHE B C   1 
ATOM   454 O O   . PHE B 1 21 ? -4.324  15.309  12.374  1.00 37.41  ? 504 PHE B O   1 
ATOM   455 C CB  . PHE B 1 21 ? -1.549  14.227  11.059  1.00 46.24  ? 504 PHE B CB  1 
ATOM   456 C CG  . PHE B 1 21 ? -0.110  13.946  11.377  1.00 44.71  ? 504 PHE B CG  1 
ATOM   457 C CD1 . PHE B 1 21 ? 0.850   13.904  10.367  1.00 44.27  ? 504 PHE B CD1 1 
ATOM   458 C CD2 . PHE B 1 21 ? 0.287   13.737  12.687  1.00 44.97  ? 504 PHE B CD2 1 
ATOM   459 C CE1 . PHE B 1 21 ? 2.186   13.647  10.663  1.00 44.37  ? 504 PHE B CE1 1 
ATOM   460 C CE2 . PHE B 1 21 ? 1.619   13.483  12.997  1.00 44.89  ? 504 PHE B CE2 1 
ATOM   461 C CZ  . PHE B 1 21 ? 2.571   13.438  11.983  1.00 45.35  ? 504 PHE B CZ  1 
ATOM   462 N N   . GLU B 1 22 ? -4.639  13.608  10.932  1.00 39.45  ? 505 GLU B N   1 
ATOM   463 C CA  . GLU B 1 22 ? -5.982  14.023  10.556  1.00 39.92  ? 505 GLU B CA  1 
ATOM   464 C C   . GLU B 1 22 ? -6.912  14.063  11.780  1.00 39.39  ? 505 GLU B C   1 
ATOM   465 O O   . GLU B 1 22 ? -7.785  14.930  11.890  1.00 37.45  ? 505 GLU B O   1 
ATOM   466 C CB  . GLU B 1 22 ? -6.542  13.065  9.517   1.00 52.75  ? 505 GLU B CB  1 
ATOM   467 C CG  . GLU B 1 22 ? -7.942  13.414  9.054   1.00 54.99  ? 505 GLU B CG  1 
ATOM   468 C CD  . GLU B 1 22 ? -8.008  14.767  8.370   1.00 56.41  ? 505 GLU B CD  1 
ATOM   469 O OE1 . GLU B 1 22 ? -7.302  14.950  7.352   1.00 57.15  ? 505 GLU B OE1 1 
ATOM   470 O OE2 . GLU B 1 22 ? -8.764  15.644  8.849   1.00 55.17  ? 505 GLU B OE2 1 
ATOM   471 N N   . LYS B 1 23 ? -6.726  13.117  12.696  1.00 56.36  ? 506 LYS B N   1 
ATOM   472 C CA  . LYS B 1 23 ? -7.538  13.073  13.899  1.00 57.81  ? 506 LYS B CA  1 
ATOM   473 C C   . LYS B 1 23 ? -7.137  14.228  14.806  1.00 57.24  ? 506 LYS B C   1 
ATOM   474 O O   . LYS B 1 23 ? -7.978  15.036  15.210  1.00 55.92  ? 506 LYS B O   1 
ATOM   475 C CB  . LYS B 1 23 ? -7.338  11.742  14.624  1.00 104.10 ? 506 LYS B CB  1 
ATOM   476 C CG  . LYS B 1 23 ? -7.575  10.528  13.743  1.00 108.07 ? 506 LYS B CG  1 
ATOM   477 C CD  . LYS B 1 23 ? -8.951  10.555  13.086  1.00 110.68 ? 506 LYS B CD  1 
ATOM   478 C CE  . LYS B 1 23 ? -9.083  9.431   12.068  1.00 112.87 ? 506 LYS B CE  1 
ATOM   479 N NZ  . LYS B 1 23 ? -8.783  8.094   12.665  1.00 113.55 ? 506 LYS B NZ  1 
ATOM   480 N N   . ARG B 1 24 ? -5.841  14.304  15.108  1.00 50.60  ? 507 ARG B N   1 
ATOM   481 C CA  . ARG B 1 24 ? -5.297  15.347  15.968  1.00 48.16  ? 507 ARG B CA  1 
ATOM   482 C C   . ARG B 1 24 ? -5.547  16.720  15.373  1.00 48.01  ? 507 ARG B C   1 
ATOM   483 O O   . ARG B 1 24 ? -5.826  17.673  16.107  1.00 49.51  ? 507 ARG B O   1 
ATOM   484 C CB  . ARG B 1 24 ? -3.807  15.095  16.191  1.00 41.67  ? 507 ARG B CB  1 
ATOM   485 C CG  . ARG B 1 24 ? -3.565  13.843  17.029  1.00 42.19  ? 507 ARG B CG  1 
ATOM   486 C CD  . ARG B 1 24 ? -2.160  13.277  16.881  1.00 42.05  ? 507 ARG B CD  1 
ATOM   487 N NE  . ARG B 1 24 ? -1.124  14.138  17.436  1.00 43.09  ? 507 ARG B NE  1 
ATOM   488 C CZ  . ARG B 1 24 ? 0.177   13.924  17.282  1.00 42.85  ? 507 ARG B CZ  1 
ATOM   489 N NH1 . ARG B 1 24 ? 1.064   14.750  17.820  1.00 42.22  ? 507 ARG B NH1 1 
ATOM   490 N NH2 . ARG B 1 24 ? 0.588   12.882  16.575  1.00 42.97  ? 507 ARG B NH2 1 
ATOM   491 N N   . ILE B 1 25 ? -5.463  16.825  14.049  1.00 43.82  ? 508 ILE B N   1 
ATOM   492 C CA  . ILE B 1 25 ? -5.717  18.097  13.383  1.00 43.54  ? 508 ILE B CA  1 
ATOM   493 C C   . ILE B 1 25 ? -7.190  18.443  13.547  1.00 43.18  ? 508 ILE B C   1 
ATOM   494 O O   . ILE B 1 25 ? -7.536  19.602  13.733  1.00 43.23  ? 508 ILE B O   1 
ATOM   495 C CB  . ILE B 1 25 ? -5.359  18.059  11.870  1.00 43.54  ? 508 ILE B CB  1 
ATOM   496 C CG1 . ILE B 1 25 ? -3.864  18.305  11.684  1.00 44.65  ? 508 ILE B CG1 1 
ATOM   497 C CG2 . ILE B 1 25 ? -6.157  19.105  11.105  1.00 43.73  ? 508 ILE B CG2 1 
ATOM   498 C CD1 . ILE B 1 25 ? -3.435  18.387  10.238  1.00 44.98  ? 508 ILE B CD1 1 
ATOM   499 N N   . VAL B 1 26 ? -8.062  17.445  13.474  1.00 42.55  ? 509 VAL B N   1 
ATOM   500 C CA  . VAL B 1 26 ? -9.469  17.728  13.660  1.00 41.98  ? 509 VAL B CA  1 
ATOM   501 C C   . VAL B 1 26 ? -9.699  18.017  15.144  1.00 42.07  ? 509 VAL B C   1 
ATOM   502 O O   . VAL B 1 26 ? -10.364 18.995  15.490  1.00 42.69  ? 509 VAL B O   1 
ATOM   503 C CB  . VAL B 1 26 ? -10.346 16.556  13.195  1.00 46.40  ? 509 VAL B CB  1 
ATOM   504 C CG1 . VAL B 1 26 ? -11.715 16.636  13.842  1.00 46.91  ? 509 VAL B CG1 1 
ATOM   505 C CG2 . VAL B 1 26 ? -10.512 16.615  11.690  1.00 47.13  ? 509 VAL B CG2 1 
ATOM   506 N N   . THR B 1 27 ? -9.134  17.181  16.014  1.00 51.64  ? 510 THR B N   1 
ATOM   507 C CA  . THR B 1 27 ? -9.264  17.363  17.463  1.00 51.90  ? 510 THR B CA  1 
ATOM   508 C C   . THR B 1 27 ? -8.880  18.778  17.855  1.00 52.00  ? 510 THR B C   1 
ATOM   509 O O   . THR B 1 27 ? -9.608  19.455  18.585  1.00 51.82  ? 510 THR B O   1 
ATOM   510 C CB  . THR B 1 27 ? -8.365  16.400  18.229  1.00 54.71  ? 510 THR B CB  1 
ATOM   511 O OG1 . THR B 1 27 ? -8.852  15.069  18.053  1.00 57.47  ? 510 THR B OG1 1 
ATOM   512 C CG2 . THR B 1 27 ? -8.352  16.737  19.705  1.00 54.34  ? 510 THR B CG2 1 
ATOM   513 N N   . LEU B 1 28 ? -7.724  19.212  17.368  1.00 45.45  ? 511 LEU B N   1 
ATOM   514 C CA  . LEU B 1 28 ? -7.247  20.555  17.638  1.00 46.88  ? 511 LEU B CA  1 
ATOM   515 C C   . LEU B 1 28 ? -8.251  21.583  17.108  1.00 48.70  ? 511 LEU B C   1 
ATOM   516 O O   . LEU B 1 28 ? -8.665  22.490  17.835  1.00 49.66  ? 511 LEU B O   1 
ATOM   517 C CB  . LEU B 1 28 ? -5.873  20.763  16.995  1.00 32.91  ? 511 LEU B CB  1 
ATOM   518 C CG  . LEU B 1 28 ? -4.713  20.121  17.757  1.00 32.73  ? 511 LEU B CG  1 
ATOM   519 C CD1 . LEU B 1 28 ? -3.413  20.278  16.991  1.00 32.13  ? 511 LEU B CD1 1 
ATOM   520 C CD2 . LEU B 1 28 ? -4.600  20.764  19.123  1.00 32.71  ? 511 LEU B CD2 1 
ATOM   521 N N   . GLU B 1 29 ? -8.650  21.435  15.848  1.00 32.52  ? 512 GLU B N   1 
ATOM   522 C CA  . GLU B 1 29 ? -9.612  22.346  15.255  1.00 34.15  ? 512 GLU B CA  1 
ATOM   523 C C   . GLU B 1 29 ? -10.845 22.378  16.159  1.00 35.49  ? 512 GLU B C   1 
ATOM   524 O O   . GLU B 1 29 ? -11.328 23.454  16.538  1.00 34.85  ? 512 GLU B O   1 
ATOM   525 C CB  . GLU B 1 29 ? -9.986  21.871  13.848  1.00 41.56  ? 512 GLU B CB  1 
ATOM   526 C CG  . GLU B 1 29 ? -8.793  21.790  12.897  1.00 46.54  ? 512 GLU B CG  1 
ATOM   527 C CD  . GLU B 1 29 ? -9.159  21.301  11.505  1.00 48.33  ? 512 GLU B CD  1 
ATOM   528 O OE1 . GLU B 1 29 ? -9.799  20.239  11.392  1.00 50.16  ? 512 GLU B OE1 1 
ATOM   529 O OE2 . GLU B 1 29 ? -8.794  21.979  10.523  1.00 48.76  ? 512 GLU B OE2 1 
ATOM   530 N N   . THR B 1 30 ? -11.329 21.189  16.516  1.00 49.61  ? 513 THR B N   1 
ATOM   531 C CA  . THR B 1 30 ? -12.493 21.030  17.385  1.00 51.50  ? 513 THR B CA  1 
ATOM   532 C C   . THR B 1 30 ? -12.382 21.897  18.632  1.00 51.99  ? 513 THR B C   1 
ATOM   533 O O   . THR B 1 30 ? -13.113 22.878  18.787  1.00 51.69  ? 513 THR B O   1 
ATOM   534 C CB  . THR B 1 30 ? -12.653 19.562  17.853  1.00 87.01  ? 513 THR B CB  1 
ATOM   535 O OG1 . THR B 1 30 ? -12.936 18.727  16.726  1.00 89.24  ? 513 THR B OG1 1 
ATOM   536 C CG2 . THR B 1 30 ? -13.786 19.435  18.857  1.00 86.94  ? 513 THR B CG2 1 
ATOM   537 N N   . LYS B 1 31 ? -11.461 21.515  19.515  1.00 39.03  ? 514 LYS B N   1 
ATOM   538 C CA  . LYS B 1 31 ? -11.222 22.215  20.779  1.00 38.27  ? 514 LYS B CA  1 
ATOM   539 C C   . LYS B 1 31 ? -11.044 23.728  20.675  1.00 37.31  ? 514 LYS B C   1 
ATOM   540 O O   . LYS B 1 31 ? -11.463 24.466  21.567  1.00 35.87  ? 514 LYS B O   1 
ATOM   541 C CB  . LYS B 1 31 ? -10.006 21.603  21.480  1.00 65.80  ? 514 LYS B CB  1 
ATOM   542 C CG  . LYS B 1 31 ? -10.185 20.124  21.804  1.00 68.53  ? 514 LYS B CG  1 
ATOM   543 C CD  . LYS B 1 31 ? -8.956  19.508  22.454  1.00 68.92  ? 514 LYS B CD  1 
ATOM   544 C CE  . LYS B 1 31 ? -9.195  18.040  22.744  1.00 68.59  ? 514 LYS B CE  1 
ATOM   545 N NZ  . LYS B 1 31 ? -7.962  17.392  23.240  1.00 69.86  ? 514 LYS B NZ  1 
ATOM   546 N N   . LEU B 1 32 ? -10.423 24.184  19.590  1.00 36.56  ? 515 LEU B N   1 
ATOM   547 C CA  . LEU B 1 32 ? -10.182 25.609  19.381  1.00 37.05  ? 515 LEU B CA  1 
ATOM   548 C C   . LEU B 1 32 ? -11.469 26.347  19.050  1.00 37.97  ? 515 LEU B C   1 
ATOM   549 O O   . LEU B 1 32 ? -11.829 27.306  19.725  1.00 37.89  ? 515 LEU B O   1 
ATOM   550 C CB  . LEU B 1 32 ? -9.171  25.812  18.247  1.00 40.57  ? 515 LEU B CB  1 
ATOM   551 C CG  . LEU B 1 32 ? -8.457  27.167  18.118  1.00 41.36  ? 515 LEU B CG  1 
ATOM   552 C CD1 . LEU B 1 32 ? -7.506  27.103  16.949  1.00 41.81  ? 515 LEU B CD1 1 
ATOM   553 C CD2 . LEU B 1 32 ? -9.444  28.299  17.906  1.00 43.12  ? 515 LEU B CD2 1 
ATOM   554 N N   . GLU B 1 33 ? -12.154 25.894  18.006  1.00 76.60  ? 516 GLU B N   1 
ATOM   555 C CA  . GLU B 1 33 ? -13.403 26.508  17.571  1.00 78.96  ? 516 GLU B CA  1 
ATOM   556 C C   . GLU B 1 33 ? -14.408 26.634  18.715  1.00 78.71  ? 516 GLU B C   1 
ATOM   557 O O   . GLU B 1 33 ? -15.165 27.603  18.770  1.00 78.17  ? 516 GLU B O   1 
ATOM   558 C CB  . GLU B 1 33 ? -14.019 25.687  16.438  1.00 148.50 ? 516 GLU B CB  1 
ATOM   559 C CG  . GLU B 1 33 ? -13.072 25.428  15.274  1.00 154.65 ? 516 GLU B CG  1 
ATOM   560 C CD  . GLU B 1 33 ? -13.627 24.426  14.275  1.00 157.74 ? 516 GLU B CD  1 
ATOM   561 O OE1 . GLU B 1 33 ? -13.994 23.305  14.694  1.00 158.79 ? 516 GLU B OE1 1 
ATOM   562 O OE2 . GLU B 1 33 ? -13.690 24.757  13.072  1.00 158.82 ? 516 GLU B OE2 1 
ATOM   563 N N   . THR B 1 34 ? -14.414 25.660  19.623  1.00 64.21  ? 517 THR B N   1 
ATOM   564 C CA  . THR B 1 34 ? -15.339 25.676  20.755  1.00 65.69  ? 517 THR B CA  1 
ATOM   565 C C   . THR B 1 34 ? -14.849 26.548  21.915  1.00 65.37  ? 517 THR B C   1 
ATOM   566 O O   . THR B 1 34 ? -15.650 27.083  22.692  1.00 64.90  ? 517 THR B O   1 
ATOM   567 C CB  . THR B 1 34 ? -15.622 24.245  21.285  1.00 58.62  ? 517 THR B CB  1 
ATOM   568 O OG1 . THR B 1 34 ? -14.389 23.587  21.596  1.00 60.55  ? 517 THR B OG1 1 
ATOM   569 C CG2 . THR B 1 34 ? -16.374 23.436  20.251  1.00 59.32  ? 517 THR B CG2 1 
ATOM   570 N N   . LEU B 1 35 ? -13.534 26.685  22.036  1.00 75.69  ? 518 LEU B N   1 
ATOM   571 C CA  . LEU B 1 35 ? -12.966 27.506  23.092  1.00 75.03  ? 518 LEU B CA  1 
ATOM   572 C C   . LEU B 1 35 ? -13.372 28.944  22.790  1.00 74.43  ? 518 LEU B C   1 
ATOM   573 O O   . LEU B 1 35 ? -13.948 29.615  23.642  1.00 74.10  ? 518 LEU B O   1 
ATOM   574 C CB  . LEU B 1 35 ? -11.438 27.353  23.128  1.00 56.44  ? 518 LEU B CB  1 
ATOM   575 C CG  . LEU B 1 35 ? -10.713 27.814  24.397  1.00 55.90  ? 518 LEU B CG  1 
ATOM   576 C CD1 . LEU B 1 35 ? -9.754  28.941  24.069  1.00 54.85  ? 518 LEU B CD1 1 
ATOM   577 C CD2 . LEU B 1 35 ? -11.729 28.265  25.429  1.00 56.91  ? 518 LEU B CD2 1 
ATOM   578 N N   . ILE B 1 36 ? -13.170 29.380  21.549  1.00 47.85  ? 519 ILE B N   1 
ATOM   579 C CA  . ILE B 1 36 ? -13.539 30.739  21.157  1.00 48.09  ? 519 ILE B CA  1 
ATOM   580 C C   . ILE B 1 36 ? -15.044 30.913  21.309  1.00 47.79  ? 519 ILE B C   1 
ATOM   581 O O   . ILE B 1 36 ? -15.509 31.923  21.824  1.00 48.13  ? 519 ILE B O   1 
ATOM   582 C CB  . ILE B 1 36 ? -13.168 31.050  19.684  1.00 43.05  ? 519 ILE B CB  1 
ATOM   583 C CG1 . ILE B 1 36 ? -11.650 31.066  19.506  1.00 43.47  ? 519 ILE B CG1 1 
ATOM   584 C CG2 . ILE B 1 36 ? -13.753 32.398  19.269  1.00 42.82  ? 519 ILE B CG2 1 
ATOM   585 C CD1 . ILE B 1 36 ? -11.216 31.239  18.064  1.00 44.83  ? 519 ILE B CD1 1 
ATOM   586 N N   . GLY B 1 37 ? -15.800 29.921  20.857  1.00 66.42  ? 520 GLY B N   1 
ATOM   587 C CA  . GLY B 1 37 ? -17.244 29.987  20.964  1.00 65.85  ? 520 GLY B CA  1 
ATOM   588 C C   . GLY B 1 37 ? -17.656 30.192  22.406  1.00 65.97  ? 520 GLY B C   1 
ATOM   589 O O   . GLY B 1 37 ? -18.448 31.077  22.725  1.00 66.36  ? 520 GLY B O   1 
ATOM   590 N N   . SER B 1 38 ? -17.103 29.360  23.278  1.00 56.61  ? 521 SER B N   1 
ATOM   591 C CA  . SER B 1 38 ? -17.383 29.433  24.701  1.00 56.58  ? 521 SER B CA  1 
ATOM   592 C C   . SER B 1 38 ? -16.950 30.772  25.302  1.00 57.89  ? 521 SER B C   1 
ATOM   593 O O   . SER B 1 38 ? -17.624 31.299  26.181  1.00 58.31  ? 521 SER B O   1 
ATOM   594 C CB  . SER B 1 38 ? -16.687 28.280  25.421  1.00 54.79  ? 521 SER B CB  1 
ATOM   595 O OG  . SER B 1 38 ? -17.264 27.038  25.046  1.00 52.52  ? 521 SER B OG  1 
ATOM   596 N N   . ILE B 1 39 ? -15.830 31.315  24.827  1.00 47.61  ? 522 ILE B N   1 
ATOM   597 C CA  . ILE B 1 39 ? -15.312 32.602  25.303  1.00 48.46  ? 522 ILE B CA  1 
ATOM   598 C C   . ILE B 1 39 ? -16.255 33.741  24.942  1.00 50.08  ? 522 ILE B C   1 
ATOM   599 O O   . ILE B 1 39 ? -16.597 34.571  25.789  1.00 50.81  ? 522 ILE B O   1 
ATOM   600 C CB  . ILE B 1 39 ? -13.939 32.930  24.687  1.00 61.17  ? 522 ILE B CB  1 
ATOM   601 C CG1 . ILE B 1 39 ? -12.876 31.974  25.233  1.00 62.47  ? 522 ILE B CG1 1 
ATOM   602 C CG2 . ILE B 1 39 ? -13.580 34.384  24.968  1.00 59.87  ? 522 ILE B CG2 1 
ATOM   603 C CD1 . ILE B 1 39 ? -11.463 32.301  24.798  1.00 63.92  ? 522 ILE B CD1 1 
ATOM   604 N N   . HIS B 1 40 ? -16.664 33.797  23.679  1.00 82.91  ? 523 HIS B N   1 
ATOM   605 C CA  . HIS B 1 40 ? -17.577 34.845  23.260  1.00 86.10  ? 523 HIS B CA  1 
ATOM   606 C C   . HIS B 1 40 ? -18.968 34.468  23.728  1.00 87.58  ? 523 HIS B C   1 
ATOM   607 O O   . HIS B 1 40 ? -19.947 35.146  23.427  1.00 89.17  ? 523 HIS B O   1 
ATOM   608 C CB  . HIS B 1 40 ? -17.535 35.038  21.745  1.00 59.32  ? 523 HIS B CB  1 
ATOM   609 C CG  . HIS B 1 40 ? -16.195 35.490  21.244  1.00 62.09  ? 523 HIS B CG  1 
ATOM   610 N ND1 . HIS B 1 40 ? -15.411 36.386  21.936  1.00 61.88  ? 523 HIS B ND1 1 
ATOM   611 C CD2 . HIS B 1 40 ? -15.497 35.151  20.137  1.00 63.98  ? 523 HIS B CD2 1 
ATOM   612 C CE1 . HIS B 1 40 ? -14.280 36.577  21.277  1.00 62.95  ? 523 HIS B CE1 1 
ATOM   613 N NE2 . HIS B 1 40 ? -14.305 35.841  20.184  1.00 64.55  ? 523 HIS B NE2 1 
ATOM   614 N N   . ALA B 1 41 ? -19.034 33.378  24.486  1.00 59.28  ? 524 ALA B N   1 
ATOM   615 C CA  . ALA B 1 41 ? -20.284 32.898  25.042  1.00 60.50  ? 524 ALA B CA  1 
ATOM   616 C C   . ALA B 1 41 ? -20.491 33.545  26.407  1.00 61.89  ? 524 ALA B C   1 
ATOM   617 O O   . ALA B 1 41 ? -21.514 34.178  26.636  1.00 63.41  ? 524 ALA B O   1 
ATOM   618 C CB  . ALA B 1 41 ? -20.258 31.383  25.174  1.00 54.50  ? 524 ALA B CB  1 
ATOM   619 N N   . LEU B 1 42 ? -19.520 33.405  27.310  1.00 145.78 ? 525 LEU B N   1 
ATOM   620 C CA  . LEU B 1 42 ? -19.653 33.995  28.646  1.00 147.21 ? 525 LEU B CA  1 
ATOM   621 C C   . LEU B 1 42 ? -19.829 35.516  28.622  1.00 148.26 ? 525 LEU B C   1 
ATOM   622 O O   . LEU B 1 42 ? -19.097 36.186  28.228  1.00 147.25 ? 525 LEU B O   1 
ATOM   623 C CB  . LEU B 1 42 ? -18.461 33.615  29.559  1.00 44.70  ? 525 LEU B CB  1 
ATOM   624 C CG  . LEU B 1 42 ? -16.947 33.732  29.300  1.00 42.96  ? 525 LEU B CG  1 
ATOM   625 C CD1 . LEU B 1 42 ? -16.473 32.498  28.575  1.00 43.80  ? 525 LEU B CD1 1 
ATOM   626 C CD2 . LEU B 1 42 ? -16.600 34.997  28.548  1.00 42.28  ? 525 LEU B CD2 1 
ATOM   627 N N   . PRO B 1 43 ? -20.856 35.549  29.261  1.00 200.00 ? 526 PRO B N   1 
ATOM   628 C CA  . PRO B 1 43 ? -21.079 36.984  29.487  1.00 200.00 ? 526 PRO B CA  1 
ATOM   629 C C   . PRO B 1 43 ? -19.954 37.906  28.980  1.00 199.97 ? 526 PRO B C   1 
ATOM   630 O O   . PRO B 1 43 ? -20.223 38.679  28.036  1.00 198.64 ? 526 PRO B O   1 
ATOM   631 C CB  . PRO B 1 43 ? -21.287 37.050  30.999  1.00 121.04 ? 526 PRO B CB  1 
ATOM   632 C CG  . PRO B 1 43 ? -22.081 35.794  31.253  1.00 119.14 ? 526 PRO B CG  1 
ATOM   633 C CD  . PRO B 1 43 ? -21.360 34.755  30.402  1.00 119.07 ? 526 PRO B CD  1 
ATOM   634 O OXT . PRO B 1 43 ? -18.824 37.843  29.506  1.00 119.45 ? 526 PRO B OXT 1 
HETATM 635 O O   . HOH C 2 .  ? 1.989   -15.424 -21.558 1.00 54.24  ? 527 HOH A O   1 
HETATM 636 O O   . HOH D 2 .  ? -4.790  16.891  19.039  1.00 53.94  ? 527 HOH B O   1 
HETATM 637 O O   . HOH D 2 .  ? 6.951   -1.283  10.254  1.00 80.90  ? 528 HOH B O   1 
HETATM 638 O O   . HOH D 2 .  ? 1.764   9.373   14.061  1.00 42.80  ? 529 HOH B O   1 
# 
loop_
_pdbx_poly_seq_scheme.asym_id 
_pdbx_poly_seq_scheme.entity_id 
_pdbx_poly_seq_scheme.seq_id 
_pdbx_poly_seq_scheme.mon_id 
_pdbx_poly_seq_scheme.ndb_seq_num 
_pdbx_poly_seq_scheme.pdb_seq_num 
_pdbx_poly_seq_scheme.auth_seq_num 
_pdbx_poly_seq_scheme.pdb_mon_id 
_pdbx_poly_seq_scheme.auth_mon_id 
_pdbx_poly_seq_scheme.pdb_strand_id 
_pdbx_poly_seq_scheme.pdb_ins_code 
_pdbx_poly_seq_scheme.hetero 
A 1 1  GLY 1  484 ?   ?   ?   A . n 
A 1 2  SER 2  485 ?   ?   ?   A . n 
A 1 3  HIS 3  486 ?   ?   ?   A . n 
A 1 4  MET 4  487 ?   ?   ?   A . n 
A 1 5  ASN 5  488 488 ASN ASN A . n 
A 1 6  ILE 6  489 489 ILE ILE A . n 
A 1 7  MET 7  490 490 MET MET A . n 
A 1 8  TYR 8  491 491 TYR TYR A . n 
A 1 9  ASP 9  492 492 ASP ASP A . n 
A 1 10 MET 10 493 493 MET MET A . n 
A 1 11 ILE 11 494 494 ILE ILE A . n 
A 1 12 SER 12 495 495 SER SER A . n 
A 1 13 ASP 13 496 496 ASP ASP A . n 
A 1 14 LEU 14 497 497 LEU LEU A . n 
A 1 15 ASN 15 498 498 ASN ASN A . n 
A 1 16 GLU 16 499 499 GLU GLU A . n 
A 1 17 ARG 17 500 500 ARG ARG A . n 
A 1 18 SER 18 501 501 SER SER A . n 
A 1 19 GLU 19 502 502 GLU GLU A . n 
A 1 20 ASP 20 503 503 ASP ASP A . n 
A 1 21 PHE 21 504 504 PHE PHE A . n 
A 1 22 GLU 22 505 505 GLU GLU A . n 
A 1 23 LYS 23 506 506 LYS LYS A . n 
A 1 24 ARG 24 507 507 ARG ARG A . n 
A 1 25 ILE 25 508 508 ILE ILE A . n 
A 1 26 VAL 26 509 509 VAL VAL A . n 
A 1 27 THR 27 510 510 THR THR A . n 
A 1 28 LEU 28 511 511 LEU LEU A . n 
A 1 29 GLU 29 512 512 GLU GLU A . n 
A 1 30 THR 30 513 513 THR THR A . n 
A 1 31 LYS 31 514 514 LYS LYS A . n 
A 1 32 LEU 32 515 515 LEU LEU A . n 
A 1 33 GLU 33 516 516 GLU GLU A . n 
A 1 34 THR 34 517 517 THR THR A . n 
A 1 35 LEU 35 518 518 LEU LEU A . n 
A 1 36 ILE 36 519 519 ILE ILE A . n 
A 1 37 GLY 37 520 520 GLY GLY A . n 
A 1 38 SER 38 521 521 SER SER A . n 
A 1 39 ILE 39 522 522 ILE ILE A . n 
A 1 40 HIS 40 523 523 HIS HIS A . n 
A 1 41 ALA 41 524 524 ALA ALA A . n 
A 1 42 LEU 42 525 525 LEU LEU A . n 
A 1 43 PRO 43 526 526 PRO PRO A . n 
B 1 1  GLY 1  484 ?   ?   ?   B . n 
B 1 2  SER 2  485 ?   ?   ?   B . n 
B 1 3  HIS 3  486 ?   ?   ?   B . n 
B 1 4  MET 4  487 ?   ?   ?   B . n 
B 1 5  ASN 5  488 488 ASN ASN B . n 
B 1 6  ILE 6  489 489 ILE ILE B . n 
B 1 7  MET 7  490 490 MET MET B . n 
B 1 8  TYR 8  491 491 TYR TYR B . n 
B 1 9  ASP 9  492 492 ASP ASP B . n 
B 1 10 MET 10 493 493 MET MET B . n 
B 1 11 ILE 11 494 494 ILE ILE B . n 
B 1 12 SER 12 495 495 SER SER B . n 
B 1 13 ASP 13 496 496 ASP ASP B . n 
B 1 14 LEU 14 497 497 LEU LEU B . n 
B 1 15 ASN 15 498 498 ASN ASN B . n 
B 1 16 GLU 16 499 499 GLU GLU B . n 
B 1 17 ARG 17 500 500 ARG ARG B . n 
B 1 18 SER 18 501 501 SER SER B . n 
B 1 19 GLU 19 502 502 GLU GLU B . n 
B 1 20 ASP 20 503 503 ASP ASP B . n 
B 1 21 PHE 21 504 504 PHE PHE B . n 
B 1 22 GLU 22 505 505 GLU GLU B . n 
B 1 23 LYS 23 506 506 LYS LYS B . n 
B 1 24 ARG 24 507 507 ARG ARG B . n 
B 1 25 ILE 25 508 508 ILE ILE B . n 
B 1 26 VAL 26 509 509 VAL VAL B . n 
B 1 27 THR 27 510 510 THR THR B . n 
B 1 28 LEU 28 511 511 LEU LEU B . n 
B 1 29 GLU 29 512 512 GLU GLU B . n 
B 1 30 THR 30 513 513 THR THR B . n 
B 1 31 LYS 31 514 514 LYS LYS B . n 
B 1 32 LEU 32 515 515 LEU LEU B . n 
B 1 33 GLU 33 516 516 GLU GLU B . n 
B 1 34 THR 34 517 517 THR THR B . n 
B 1 35 LEU 35 518 518 LEU LEU B . n 
B 1 36 ILE 36 519 519 ILE ILE B . n 
B 1 37 GLY 37 520 520 GLY GLY B . n 
B 1 38 SER 38 521 521 SER SER B . n 
B 1 39 ILE 39 522 522 ILE ILE B . n 
B 1 40 HIS 40 523 523 HIS HIS B . n 
B 1 41 ALA 41 524 524 ALA ALA B . n 
B 1 42 LEU 42 525 525 LEU LEU B . n 
B 1 43 PRO 43 526 526 PRO PRO B . n 
# 
loop_
_pdbx_nonpoly_scheme.asym_id 
_pdbx_nonpoly_scheme.entity_id 
_pdbx_nonpoly_scheme.mon_id 
_pdbx_nonpoly_scheme.ndb_seq_num 
_pdbx_nonpoly_scheme.pdb_seq_num 
_pdbx_nonpoly_scheme.auth_seq_num 
_pdbx_nonpoly_scheme.pdb_mon_id 
_pdbx_nonpoly_scheme.auth_mon_id 
_pdbx_nonpoly_scheme.pdb_strand_id 
_pdbx_nonpoly_scheme.pdb_ins_code 
C 2 HOH 1 527 1 HOH TIP A . 
D 2 HOH 1 527 2 HOH TIP B . 
D 2 HOH 2 528 3 HOH TIP B . 
D 2 HOH 3 529 4 HOH TIP B . 
# 
loop_
_pdbx_struct_assembly.id 
_pdbx_struct_assembly.details 
_pdbx_struct_assembly.method_details 
_pdbx_struct_assembly.oligomeric_details 
_pdbx_struct_assembly.oligomeric_count 
1 software_defined_assembly            PISA trimeric  3 
2 software_defined_assembly            PISA trimeric  3 
3 author_and_software_defined_assembly PISA hexameric 6 
# 
loop_
_pdbx_struct_assembly_gen.assembly_id 
_pdbx_struct_assembly_gen.oper_expression 
_pdbx_struct_assembly_gen.asym_id_list 
1 1,2,3 A,C 
2 1,4,5 B,D 
3 1,2,3 A,C 
3 6,7,8 B,D 
# 
loop_
_pdbx_struct_assembly_prop.biol_id 
_pdbx_struct_assembly_prop.type 
_pdbx_struct_assembly_prop.value 
_pdbx_struct_assembly_prop.details 
1 'ABSA (A^2)' 3900  ? 
1 MORE         -40   ? 
1 'SSA (A^2)'  7480  ? 
2 'ABSA (A^2)' 3900  ? 
2 MORE         -33   ? 
2 'SSA (A^2)'  7630  ? 
3 'ABSA (A^2)' 8900  ? 
3 MORE         -83   ? 
3 'SSA (A^2)'  14010 ? 
# 
loop_
_pdbx_struct_oper_list.id 
_pdbx_struct_oper_list.type 
_pdbx_struct_oper_list.name 
_pdbx_struct_oper_list.symmetry_operation 
_pdbx_struct_oper_list.matrix[1][1] 
_pdbx_struct_oper_list.matrix[1][2] 
_pdbx_struct_oper_list.matrix[1][3] 
_pdbx_struct_oper_list.vector[1] 
_pdbx_struct_oper_list.matrix[2][1] 
_pdbx_struct_oper_list.matrix[2][2] 
_pdbx_struct_oper_list.matrix[2][3] 
_pdbx_struct_oper_list.vector[2] 
_pdbx_struct_oper_list.matrix[3][1] 
_pdbx_struct_oper_list.matrix[3][2] 
_pdbx_struct_oper_list.matrix[3][3] 
_pdbx_struct_oper_list.vector[3] 
1 'identity operation'         1_555 x,y,z           1.0000000000  0.0000000000  0.0000000000  0.0000000000   0.0000000000  1.0000000000  0.0000000000  0.0000000000   0.0000000000  0.0000000000  1.0000000000  0.0000000000   
2 'crystal symmetry operation' 2_445 -y-1,x-y-1,z    -0.2925163490 -0.9410854415 0.1696831676  -13.0492316656 0.2346011097  0.1013969157  0.9667890074  -2.6214763238  -0.9270364097 0.3226094501  0.1911194333  -4.7045055214  
3 'crystal symmetry operation' 3_545 -x+y,-x-1,z     -0.2925163490 0.2346011097  -0.9270364097 -7.5633602571  -0.9410854415 0.1013969157  0.3226094501  -10.4969143900 0.1696831676  0.9667890074  0.1911194333  5.6477718864   
4 'crystal symmetry operation' 2_455 -y-1,x-y,z      -0.2925163490 -0.9410854415 0.1696831676  14.0280351416  0.2346011097  0.1013969157  0.9667890074  5.7506462893   -0.9270364097 0.3226094501  0.1911194333  2.3218153653   
5 'crystal symmetry operation' 3_445 -x+y-1,-x-1,z   -0.2925163490 0.2346011097  -0.9270364097 4.9067290025   -0.9410854415 0.1013969157  0.3226094501  11.8694422698  0.1696831676  0.9667890074  0.1911194333  -8.3837270936  
6 'crystal symmetry operation' 4_444 -x-1,-y-1,z-1/2 -0.7233551320 -0.4709895545 -0.5049021614 35.3121419498  -0.4709895545 -0.1981374458 0.8595989717  -59.5707391032 -0.5049021614 0.8595989717  -0.0785074222 -67.1748303413 
7 'crystal symmetry operation' 5_544 y,-x+y-1,z-1/2  0.5691612170  0.4700958870  -0.6745853290 21.2841068082  -0.7055906642 0.7004656386  -0.1071900357 -65.3213853925 0.4221342483  0.5369895216  0.7303731444  -69.4966457066 
8 'crystal symmetry operation' 6_554 x-y,x,z-1/2     0.5691612170  -0.7055906642 0.4221342483  30.4054129473  0.4700958870  0.7004656386  0.5369895216  -71.4401813730 -0.6745853290 -0.1071900357 0.7303731444  -58.7911032477 
# 
loop_
_pdbx_audit_revision_history.ordinal 
_pdbx_audit_revision_history.data_content_type 
_pdbx_audit_revision_history.major_revision 
_pdbx_audit_revision_history.minor_revision 
_pdbx_audit_revision_history.revision_date 
1 'Structure model' 1 0 2008-04-29 
2 'Structure model' 1 1 2011-07-13 
3 'Structure model' 1 2 2023-10-25 
# 
_pdbx_audit_revision_details.ordinal             1 
_pdbx_audit_revision_details.revision_ordinal    1 
_pdbx_audit_revision_details.data_content_type   'Structure model' 
_pdbx_audit_revision_details.provider            repository 
_pdbx_audit_revision_details.type                'Initial release' 
_pdbx_audit_revision_details.description         ? 
_pdbx_audit_revision_details.details             ? 
# 
loop_
_pdbx_audit_revision_group.ordinal 
_pdbx_audit_revision_group.revision_ordinal 
_pdbx_audit_revision_group.data_content_type 
_pdbx_audit_revision_group.group 
1 2 'Structure model' 'Version format compliance' 
2 3 'Structure model' 'Data collection'           
3 3 'Structure model' 'Database references'       
4 3 'Structure model' 'Refinement description'    
# 
loop_
_pdbx_audit_revision_category.ordinal 
_pdbx_audit_revision_category.revision_ordinal 
_pdbx_audit_revision_category.data_content_type 
_pdbx_audit_revision_category.category 
1 3 'Structure model' chem_comp_atom                
2 3 'Structure model' chem_comp_bond                
3 3 'Structure model' database_2                    
4 3 'Structure model' pdbx_initial_refinement_model 
5 3 'Structure model' struct_ref_seq_dif            
# 
loop_
_pdbx_audit_revision_item.ordinal 
_pdbx_audit_revision_item.revision_ordinal 
_pdbx_audit_revision_item.data_content_type 
_pdbx_audit_revision_item.item 
1 3 'Structure model' '_database_2.pdbx_DOI'                
2 3 'Structure model' '_database_2.pdbx_database_accession' 
3 3 'Structure model' '_struct_ref_seq_dif.details'         
# 
loop_
_software.name 
_software.classification 
_software.version 
_software.citation_id 
_software.pdbx_ordinal 
HKL-2000 'data collection' .   ? 1 
PHASER   phasing           .   ? 2 
CNS      refinement        1.1 ? 3 
HKL-2000 'data reduction'  .   ? 4 
HKL-2000 'data scaling'    .   ? 5 
# 
loop_
_pdbx_validate_rmsd_bond.id 
_pdbx_validate_rmsd_bond.PDB_model_num 
_pdbx_validate_rmsd_bond.auth_atom_id_1 
_pdbx_validate_rmsd_bond.auth_asym_id_1 
_pdbx_validate_rmsd_bond.auth_comp_id_1 
_pdbx_validate_rmsd_bond.auth_seq_id_1 
_pdbx_validate_rmsd_bond.PDB_ins_code_1 
_pdbx_validate_rmsd_bond.label_alt_id_1 
_pdbx_validate_rmsd_bond.auth_atom_id_2 
_pdbx_validate_rmsd_bond.auth_asym_id_2 
_pdbx_validate_rmsd_bond.auth_comp_id_2 
_pdbx_validate_rmsd_bond.auth_seq_id_2 
_pdbx_validate_rmsd_bond.PDB_ins_code_2 
_pdbx_validate_rmsd_bond.label_alt_id_2 
_pdbx_validate_rmsd_bond.bond_value 
_pdbx_validate_rmsd_bond.bond_target_value 
_pdbx_validate_rmsd_bond.bond_deviation 
_pdbx_validate_rmsd_bond.bond_standard_deviation 
_pdbx_validate_rmsd_bond.linker_flag 
1 1 C B LEU 525 ? ? O B LEU 525 ? ? 1.067 1.229 -0.162 0.019 N 
2 1 C B LEU 525 ? ? N B PRO 526 ? ? 1.210 1.338 -0.128 0.019 Y 
# 
loop_
_pdbx_validate_rmsd_angle.id 
_pdbx_validate_rmsd_angle.PDB_model_num 
_pdbx_validate_rmsd_angle.auth_atom_id_1 
_pdbx_validate_rmsd_angle.auth_asym_id_1 
_pdbx_validate_rmsd_angle.auth_comp_id_1 
_pdbx_validate_rmsd_angle.auth_seq_id_1 
_pdbx_validate_rmsd_angle.PDB_ins_code_1 
_pdbx_validate_rmsd_angle.label_alt_id_1 
_pdbx_validate_rmsd_angle.auth_atom_id_2 
_pdbx_validate_rmsd_angle.auth_asym_id_2 
_pdbx_validate_rmsd_angle.auth_comp_id_2 
_pdbx_validate_rmsd_angle.auth_seq_id_2 
_pdbx_validate_rmsd_angle.PDB_ins_code_2 
_pdbx_validate_rmsd_angle.label_alt_id_2 
_pdbx_validate_rmsd_angle.auth_atom_id_3 
_pdbx_validate_rmsd_angle.auth_asym_id_3 
_pdbx_validate_rmsd_angle.auth_comp_id_3 
_pdbx_validate_rmsd_angle.auth_seq_id_3 
_pdbx_validate_rmsd_angle.PDB_ins_code_3 
_pdbx_validate_rmsd_angle.label_alt_id_3 
_pdbx_validate_rmsd_angle.angle_value 
_pdbx_validate_rmsd_angle.angle_target_value 
_pdbx_validate_rmsd_angle.angle_deviation 
_pdbx_validate_rmsd_angle.angle_standard_deviation 
_pdbx_validate_rmsd_angle.linker_flag 
1 1 CA B LEU 525 ? ? CB B LEU 525 ? ? CG B LEU 525 ? ? 129.70 115.30 14.40  2.30 N 
2 1 CA B LEU 525 ? ? C  B LEU 525 ? ? N  B PRO 526 ? ? 96.70  117.10 -20.40 2.80 Y 
3 1 O  B LEU 525 ? ? C  B LEU 525 ? ? N  B PRO 526 ? ? 139.39 121.10 18.29  1.90 Y 
4 1 C  B LEU 525 ? ? N  B PRO 526 ? ? CA B PRO 526 ? ? 103.73 119.30 -15.57 1.50 Y 
# 
loop_
_pdbx_validate_torsion.id 
_pdbx_validate_torsion.PDB_model_num 
_pdbx_validate_torsion.auth_comp_id 
_pdbx_validate_torsion.auth_asym_id 
_pdbx_validate_torsion.auth_seq_id 
_pdbx_validate_torsion.PDB_ins_code 
_pdbx_validate_torsion.label_alt_id 
_pdbx_validate_torsion.phi 
_pdbx_validate_torsion.psi 
1 1 LEU A 515 ? ? -47.81  -74.76 
2 1 ILE A 522 ? ? -104.73 -62.91 
3 1 HIS A 523 ? ? -48.65  -71.27 
4 1 ALA A 524 ? ? -25.85  -97.82 
5 1 THR B 513 ? ? -48.59  -70.26 
# 
loop_
_pdbx_unobs_or_zero_occ_residues.id 
_pdbx_unobs_or_zero_occ_residues.PDB_model_num 
_pdbx_unobs_or_zero_occ_residues.polymer_flag 
_pdbx_unobs_or_zero_occ_residues.occupancy_flag 
_pdbx_unobs_or_zero_occ_residues.auth_asym_id 
_pdbx_unobs_or_zero_occ_residues.auth_comp_id 
_pdbx_unobs_or_zero_occ_residues.auth_seq_id 
_pdbx_unobs_or_zero_occ_residues.PDB_ins_code 
_pdbx_unobs_or_zero_occ_residues.label_asym_id 
_pdbx_unobs_or_zero_occ_residues.label_comp_id 
_pdbx_unobs_or_zero_occ_residues.label_seq_id 
1 1 Y 1 A GLY 484 ? A GLY 1 
2 1 Y 1 A SER 485 ? A SER 2 
3 1 Y 1 A HIS 486 ? A HIS 3 
4 1 Y 1 A MET 487 ? A MET 4 
5 1 Y 1 B GLY 484 ? B GLY 1 
6 1 Y 1 B SER 485 ? B SER 2 
7 1 Y 1 B HIS 486 ? B HIS 3 
8 1 Y 1 B MET 487 ? B MET 4 
# 
loop_
_chem_comp_atom.comp_id 
_chem_comp_atom.atom_id 
_chem_comp_atom.type_symbol 
_chem_comp_atom.pdbx_aromatic_flag 
_chem_comp_atom.pdbx_stereo_config 
_chem_comp_atom.pdbx_ordinal 
ALA N    N N N 1   
ALA CA   C N S 2   
ALA C    C N N 3   
ALA O    O N N 4   
ALA CB   C N N 5   
ALA OXT  O N N 6   
ALA H    H N N 7   
ALA H2   H N N 8   
ALA HA   H N N 9   
ALA HB1  H N N 10  
ALA HB2  H N N 11  
ALA HB3  H N N 12  
ALA HXT  H N N 13  
ARG N    N N N 14  
ARG CA   C N S 15  
ARG C    C N N 16  
ARG O    O N N 17  
ARG CB   C N N 18  
ARG CG   C N N 19  
ARG CD   C N N 20  
ARG NE   N N N 21  
ARG CZ   C N N 22  
ARG NH1  N N N 23  
ARG NH2  N N N 24  
ARG OXT  O N N 25  
ARG H    H N N 26  
ARG H2   H N N 27  
ARG HA   H N N 28  
ARG HB2  H N N 29  
ARG HB3  H N N 30  
ARG HG2  H N N 31  
ARG HG3  H N N 32  
ARG HD2  H N N 33  
ARG HD3  H N N 34  
ARG HE   H N N 35  
ARG HH11 H N N 36  
ARG HH12 H N N 37  
ARG HH21 H N N 38  
ARG HH22 H N N 39  
ARG HXT  H N N 40  
ASN N    N N N 41  
ASN CA   C N S 42  
ASN C    C N N 43  
ASN O    O N N 44  
ASN CB   C N N 45  
ASN CG   C N N 46  
ASN OD1  O N N 47  
ASN ND2  N N N 48  
ASN OXT  O N N 49  
ASN H    H N N 50  
ASN H2   H N N 51  
ASN HA   H N N 52  
ASN HB2  H N N 53  
ASN HB3  H N N 54  
ASN HD21 H N N 55  
ASN HD22 H N N 56  
ASN HXT  H N N 57  
ASP N    N N N 58  
ASP CA   C N S 59  
ASP C    C N N 60  
ASP O    O N N 61  
ASP CB   C N N 62  
ASP CG   C N N 63  
ASP OD1  O N N 64  
ASP OD2  O N N 65  
ASP OXT  O N N 66  
ASP H    H N N 67  
ASP H2   H N N 68  
ASP HA   H N N 69  
ASP HB2  H N N 70  
ASP HB3  H N N 71  
ASP HD2  H N N 72  
ASP HXT  H N N 73  
GLU N    N N N 74  
GLU CA   C N S 75  
GLU C    C N N 76  
GLU O    O N N 77  
GLU CB   C N N 78  
GLU CG   C N N 79  
GLU CD   C N N 80  
GLU OE1  O N N 81  
GLU OE2  O N N 82  
GLU OXT  O N N 83  
GLU H    H N N 84  
GLU H2   H N N 85  
GLU HA   H N N 86  
GLU HB2  H N N 87  
GLU HB3  H N N 88  
GLU HG2  H N N 89  
GLU HG3  H N N 90  
GLU HE2  H N N 91  
GLU HXT  H N N 92  
GLY N    N N N 93  
GLY CA   C N N 94  
GLY C    C N N 95  
GLY O    O N N 96  
GLY OXT  O N N 97  
GLY H    H N N 98  
GLY H2   H N N 99  
GLY HA2  H N N 100 
GLY HA3  H N N 101 
GLY HXT  H N N 102 
HIS N    N N N 103 
HIS CA   C N S 104 
HIS C    C N N 105 
HIS O    O N N 106 
HIS CB   C N N 107 
HIS CG   C Y N 108 
HIS ND1  N Y N 109 
HIS CD2  C Y N 110 
HIS CE1  C Y N 111 
HIS NE2  N Y N 112 
HIS OXT  O N N 113 
HIS H    H N N 114 
HIS H2   H N N 115 
HIS HA   H N N 116 
HIS HB2  H N N 117 
HIS HB3  H N N 118 
HIS HD1  H N N 119 
HIS HD2  H N N 120 
HIS HE1  H N N 121 
HIS HE2  H N N 122 
HIS HXT  H N N 123 
HOH O    O N N 124 
HOH H1   H N N 125 
HOH H2   H N N 126 
ILE N    N N N 127 
ILE CA   C N S 128 
ILE C    C N N 129 
ILE O    O N N 130 
ILE CB   C N S 131 
ILE CG1  C N N 132 
ILE CG2  C N N 133 
ILE CD1  C N N 134 
ILE OXT  O N N 135 
ILE H    H N N 136 
ILE H2   H N N 137 
ILE HA   H N N 138 
ILE HB   H N N 139 
ILE HG12 H N N 140 
ILE HG13 H N N 141 
ILE HG21 H N N 142 
ILE HG22 H N N 143 
ILE HG23 H N N 144 
ILE HD11 H N N 145 
ILE HD12 H N N 146 
ILE HD13 H N N 147 
ILE HXT  H N N 148 
LEU N    N N N 149 
LEU CA   C N S 150 
LEU C    C N N 151 
LEU O    O N N 152 
LEU CB   C N N 153 
LEU CG   C N N 154 
LEU CD1  C N N 155 
LEU CD2  C N N 156 
LEU OXT  O N N 157 
LEU H    H N N 158 
LEU H2   H N N 159 
LEU HA   H N N 160 
LEU HB2  H N N 161 
LEU HB3  H N N 162 
LEU HG   H N N 163 
LEU HD11 H N N 164 
LEU HD12 H N N 165 
LEU HD13 H N N 166 
LEU HD21 H N N 167 
LEU HD22 H N N 168 
LEU HD23 H N N 169 
LEU HXT  H N N 170 
LYS N    N N N 171 
LYS CA   C N S 172 
LYS C    C N N 173 
LYS O    O N N 174 
LYS CB   C N N 175 
LYS CG   C N N 176 
LYS CD   C N N 177 
LYS CE   C N N 178 
LYS NZ   N N N 179 
LYS OXT  O N N 180 
LYS H    H N N 181 
LYS H2   H N N 182 
LYS HA   H N N 183 
LYS HB2  H N N 184 
LYS HB3  H N N 185 
LYS HG2  H N N 186 
LYS HG3  H N N 187 
LYS HD2  H N N 188 
LYS HD3  H N N 189 
LYS HE2  H N N 190 
LYS HE3  H N N 191 
LYS HZ1  H N N 192 
LYS HZ2  H N N 193 
LYS HZ3  H N N 194 
LYS HXT  H N N 195 
MET N    N N N 196 
MET CA   C N S 197 
MET C    C N N 198 
MET O    O N N 199 
MET CB   C N N 200 
MET CG   C N N 201 
MET SD   S N N 202 
MET CE   C N N 203 
MET OXT  O N N 204 
MET H    H N N 205 
MET H2   H N N 206 
MET HA   H N N 207 
MET HB2  H N N 208 
MET HB3  H N N 209 
MET HG2  H N N 210 
MET HG3  H N N 211 
MET HE1  H N N 212 
MET HE2  H N N 213 
MET HE3  H N N 214 
MET HXT  H N N 215 
PHE N    N N N 216 
PHE CA   C N S 217 
PHE C    C N N 218 
PHE O    O N N 219 
PHE CB   C N N 220 
PHE CG   C Y N 221 
PHE CD1  C Y N 222 
PHE CD2  C Y N 223 
PHE CE1  C Y N 224 
PHE CE2  C Y N 225 
PHE CZ   C Y N 226 
PHE OXT  O N N 227 
PHE H    H N N 228 
PHE H2   H N N 229 
PHE HA   H N N 230 
PHE HB2  H N N 231 
PHE HB3  H N N 232 
PHE HD1  H N N 233 
PHE HD2  H N N 234 
PHE HE1  H N N 235 
PHE HE2  H N N 236 
PHE HZ   H N N 237 
PHE HXT  H N N 238 
PRO N    N N N 239 
PRO CA   C N S 240 
PRO C    C N N 241 
PRO O    O N N 242 
PRO CB   C N N 243 
PRO CG   C N N 244 
PRO CD   C N N 245 
PRO OXT  O N N 246 
PRO H    H N N 247 
PRO HA   H N N 248 
PRO HB2  H N N 249 
PRO HB3  H N N 250 
PRO HG2  H N N 251 
PRO HG3  H N N 252 
PRO HD2  H N N 253 
PRO HD3  H N N 254 
PRO HXT  H N N 255 
SER N    N N N 256 
SER CA   C N S 257 
SER C    C N N 258 
SER O    O N N 259 
SER CB   C N N 260 
SER OG   O N N 261 
SER OXT  O N N 262 
SER H    H N N 263 
SER H2   H N N 264 
SER HA   H N N 265 
SER HB2  H N N 266 
SER HB3  H N N 267 
SER HG   H N N 268 
SER HXT  H N N 269 
THR N    N N N 270 
THR CA   C N S 271 
THR C    C N N 272 
THR O    O N N 273 
THR CB   C N R 274 
THR OG1  O N N 275 
THR CG2  C N N 276 
THR OXT  O N N 277 
THR H    H N N 278 
THR H2   H N N 279 
THR HA   H N N 280 
THR HB   H N N 281 
THR HG1  H N N 282 
THR HG21 H N N 283 
THR HG22 H N N 284 
THR HG23 H N N 285 
THR HXT  H N N 286 
TYR N    N N N 287 
TYR CA   C N S 288 
TYR C    C N N 289 
TYR O    O N N 290 
TYR CB   C N N 291 
TYR CG   C Y N 292 
TYR CD1  C Y N 293 
TYR CD2  C Y N 294 
TYR CE1  C Y N 295 
TYR CE2  C Y N 296 
TYR CZ   C Y N 297 
TYR OH   O N N 298 
TYR OXT  O N N 299 
TYR H    H N N 300 
TYR H2   H N N 301 
TYR HA   H N N 302 
TYR HB2  H N N 303 
TYR HB3  H N N 304 
TYR HD1  H N N 305 
TYR HD2  H N N 306 
TYR HE1  H N N 307 
TYR HE2  H N N 308 
TYR HH   H N N 309 
TYR HXT  H N N 310 
VAL N    N N N 311 
VAL CA   C N S 312 
VAL C    C N N 313 
VAL O    O N N 314 
VAL CB   C N N 315 
VAL CG1  C N N 316 
VAL CG2  C N N 317 
VAL OXT  O N N 318 
VAL H    H N N 319 
VAL H2   H N N 320 
VAL HA   H N N 321 
VAL HB   H N N 322 
VAL HG11 H N N 323 
VAL HG12 H N N 324 
VAL HG13 H N N 325 
VAL HG21 H N N 326 
VAL HG22 H N N 327 
VAL HG23 H N N 328 
VAL HXT  H N N 329 
# 
loop_
_chem_comp_bond.comp_id 
_chem_comp_bond.atom_id_1 
_chem_comp_bond.atom_id_2 
_chem_comp_bond.value_order 
_chem_comp_bond.pdbx_aromatic_flag 
_chem_comp_bond.pdbx_stereo_config 
_chem_comp_bond.pdbx_ordinal 
ALA N   CA   sing N N 1   
ALA N   H    sing N N 2   
ALA N   H2   sing N N 3   
ALA CA  C    sing N N 4   
ALA CA  CB   sing N N 5   
ALA CA  HA   sing N N 6   
ALA C   O    doub N N 7   
ALA C   OXT  sing N N 8   
ALA CB  HB1  sing N N 9   
ALA CB  HB2  sing N N 10  
ALA CB  HB3  sing N N 11  
ALA OXT HXT  sing N N 12  
ARG N   CA   sing N N 13  
ARG N   H    sing N N 14  
ARG N   H2   sing N N 15  
ARG CA  C    sing N N 16  
ARG CA  CB   sing N N 17  
ARG CA  HA   sing N N 18  
ARG C   O    doub N N 19  
ARG C   OXT  sing N N 20  
ARG CB  CG   sing N N 21  
ARG CB  HB2  sing N N 22  
ARG CB  HB3  sing N N 23  
ARG CG  CD   sing N N 24  
ARG CG  HG2  sing N N 25  
ARG CG  HG3  sing N N 26  
ARG CD  NE   sing N N 27  
ARG CD  HD2  sing N N 28  
ARG CD  HD3  sing N N 29  
ARG NE  CZ   sing N N 30  
ARG NE  HE   sing N N 31  
ARG CZ  NH1  sing N N 32  
ARG CZ  NH2  doub N N 33  
ARG NH1 HH11 sing N N 34  
ARG NH1 HH12 sing N N 35  
ARG NH2 HH21 sing N N 36  
ARG NH2 HH22 sing N N 37  
ARG OXT HXT  sing N N 38  
ASN N   CA   sing N N 39  
ASN N   H    sing N N 40  
ASN N   H2   sing N N 41  
ASN CA  C    sing N N 42  
ASN CA  CB   sing N N 43  
ASN CA  HA   sing N N 44  
ASN C   O    doub N N 45  
ASN C   OXT  sing N N 46  
ASN CB  CG   sing N N 47  
ASN CB  HB2  sing N N 48  
ASN CB  HB3  sing N N 49  
ASN CG  OD1  doub N N 50  
ASN CG  ND2  sing N N 51  
ASN ND2 HD21 sing N N 52  
ASN ND2 HD22 sing N N 53  
ASN OXT HXT  sing N N 54  
ASP N   CA   sing N N 55  
ASP N   H    sing N N 56  
ASP N   H2   sing N N 57  
ASP CA  C    sing N N 58  
ASP CA  CB   sing N N 59  
ASP CA  HA   sing N N 60  
ASP C   O    doub N N 61  
ASP C   OXT  sing N N 62  
ASP CB  CG   sing N N 63  
ASP CB  HB2  sing N N 64  
ASP CB  HB3  sing N N 65  
ASP CG  OD1  doub N N 66  
ASP CG  OD2  sing N N 67  
ASP OD2 HD2  sing N N 68  
ASP OXT HXT  sing N N 69  
GLU N   CA   sing N N 70  
GLU N   H    sing N N 71  
GLU N   H2   sing N N 72  
GLU CA  C    sing N N 73  
GLU CA  CB   sing N N 74  
GLU CA  HA   sing N N 75  
GLU C   O    doub N N 76  
GLU C   OXT  sing N N 77  
GLU CB  CG   sing N N 78  
GLU CB  HB2  sing N N 79  
GLU CB  HB3  sing N N 80  
GLU CG  CD   sing N N 81  
GLU CG  HG2  sing N N 82  
GLU CG  HG3  sing N N 83  
GLU CD  OE1  doub N N 84  
GLU CD  OE2  sing N N 85  
GLU OE2 HE2  sing N N 86  
GLU OXT HXT  sing N N 87  
GLY N   CA   sing N N 88  
GLY N   H    sing N N 89  
GLY N   H2   sing N N 90  
GLY CA  C    sing N N 91  
GLY CA  HA2  sing N N 92  
GLY CA  HA3  sing N N 93  
GLY C   O    doub N N 94  
GLY C   OXT  sing N N 95  
GLY OXT HXT  sing N N 96  
HIS N   CA   sing N N 97  
HIS N   H    sing N N 98  
HIS N   H2   sing N N 99  
HIS CA  C    sing N N 100 
HIS CA  CB   sing N N 101 
HIS CA  HA   sing N N 102 
HIS C   O    doub N N 103 
HIS C   OXT  sing N N 104 
HIS CB  CG   sing N N 105 
HIS CB  HB2  sing N N 106 
HIS CB  HB3  sing N N 107 
HIS CG  ND1  sing Y N 108 
HIS CG  CD2  doub Y N 109 
HIS ND1 CE1  doub Y N 110 
HIS ND1 HD1  sing N N 111 
HIS CD2 NE2  sing Y N 112 
HIS CD2 HD2  sing N N 113 
HIS CE1 NE2  sing Y N 114 
HIS CE1 HE1  sing N N 115 
HIS NE2 HE2  sing N N 116 
HIS OXT HXT  sing N N 117 
HOH O   H1   sing N N 118 
HOH O   H2   sing N N 119 
ILE N   CA   sing N N 120 
ILE N   H    sing N N 121 
ILE N   H2   sing N N 122 
ILE CA  C    sing N N 123 
ILE CA  CB   sing N N 124 
ILE CA  HA   sing N N 125 
ILE C   O    doub N N 126 
ILE C   OXT  sing N N 127 
ILE CB  CG1  sing N N 128 
ILE CB  CG2  sing N N 129 
ILE CB  HB   sing N N 130 
ILE CG1 CD1  sing N N 131 
ILE CG1 HG12 sing N N 132 
ILE CG1 HG13 sing N N 133 
ILE CG2 HG21 sing N N 134 
ILE CG2 HG22 sing N N 135 
ILE CG2 HG23 sing N N 136 
ILE CD1 HD11 sing N N 137 
ILE CD1 HD12 sing N N 138 
ILE CD1 HD13 sing N N 139 
ILE OXT HXT  sing N N 140 
LEU N   CA   sing N N 141 
LEU N   H    sing N N 142 
LEU N   H2   sing N N 143 
LEU CA  C    sing N N 144 
LEU CA  CB   sing N N 145 
LEU CA  HA   sing N N 146 
LEU C   O    doub N N 147 
LEU C   OXT  sing N N 148 
LEU CB  CG   sing N N 149 
LEU CB  HB2  sing N N 150 
LEU CB  HB3  sing N N 151 
LEU CG  CD1  sing N N 152 
LEU CG  CD2  sing N N 153 
LEU CG  HG   sing N N 154 
LEU CD1 HD11 sing N N 155 
LEU CD1 HD12 sing N N 156 
LEU CD1 HD13 sing N N 157 
LEU CD2 HD21 sing N N 158 
LEU CD2 HD22 sing N N 159 
LEU CD2 HD23 sing N N 160 
LEU OXT HXT  sing N N 161 
LYS N   CA   sing N N 162 
LYS N   H    sing N N 163 
LYS N   H2   sing N N 164 
LYS CA  C    sing N N 165 
LYS CA  CB   sing N N 166 
LYS CA  HA   sing N N 167 
LYS C   O    doub N N 168 
LYS C   OXT  sing N N 169 
LYS CB  CG   sing N N 170 
LYS CB  HB2  sing N N 171 
LYS CB  HB3  sing N N 172 
LYS CG  CD   sing N N 173 
LYS CG  HG2  sing N N 174 
LYS CG  HG3  sing N N 175 
LYS CD  CE   sing N N 176 
LYS CD  HD2  sing N N 177 
LYS CD  HD3  sing N N 178 
LYS CE  NZ   sing N N 179 
LYS CE  HE2  sing N N 180 
LYS CE  HE3  sing N N 181 
LYS NZ  HZ1  sing N N 182 
LYS NZ  HZ2  sing N N 183 
LYS NZ  HZ3  sing N N 184 
LYS OXT HXT  sing N N 185 
MET N   CA   sing N N 186 
MET N   H    sing N N 187 
MET N   H2   sing N N 188 
MET CA  C    sing N N 189 
MET CA  CB   sing N N 190 
MET CA  HA   sing N N 191 
MET C   O    doub N N 192 
MET C   OXT  sing N N 193 
MET CB  CG   sing N N 194 
MET CB  HB2  sing N N 195 
MET CB  HB3  sing N N 196 
MET CG  SD   sing N N 197 
MET CG  HG2  sing N N 198 
MET CG  HG3  sing N N 199 
MET SD  CE   sing N N 200 
MET CE  HE1  sing N N 201 
MET CE  HE2  sing N N 202 
MET CE  HE3  sing N N 203 
MET OXT HXT  sing N N 204 
PHE N   CA   sing N N 205 
PHE N   H    sing N N 206 
PHE N   H2   sing N N 207 
PHE CA  C    sing N N 208 
PHE CA  CB   sing N N 209 
PHE CA  HA   sing N N 210 
PHE C   O    doub N N 211 
PHE C   OXT  sing N N 212 
PHE CB  CG   sing N N 213 
PHE CB  HB2  sing N N 214 
PHE CB  HB3  sing N N 215 
PHE CG  CD1  doub Y N 216 
PHE CG  CD2  sing Y N 217 
PHE CD1 CE1  sing Y N 218 
PHE CD1 HD1  sing N N 219 
PHE CD2 CE2  doub Y N 220 
PHE CD2 HD2  sing N N 221 
PHE CE1 CZ   doub Y N 222 
PHE CE1 HE1  sing N N 223 
PHE CE2 CZ   sing Y N 224 
PHE CE2 HE2  sing N N 225 
PHE CZ  HZ   sing N N 226 
PHE OXT HXT  sing N N 227 
PRO N   CA   sing N N 228 
PRO N   CD   sing N N 229 
PRO N   H    sing N N 230 
PRO CA  C    sing N N 231 
PRO CA  CB   sing N N 232 
PRO CA  HA   sing N N 233 
PRO C   O    doub N N 234 
PRO C   OXT  sing N N 235 
PRO CB  CG   sing N N 236 
PRO CB  HB2  sing N N 237 
PRO CB  HB3  sing N N 238 
PRO CG  CD   sing N N 239 
PRO CG  HG2  sing N N 240 
PRO CG  HG3  sing N N 241 
PRO CD  HD2  sing N N 242 
PRO CD  HD3  sing N N 243 
PRO OXT HXT  sing N N 244 
SER N   CA   sing N N 245 
SER N   H    sing N N 246 
SER N   H2   sing N N 247 
SER CA  C    sing N N 248 
SER CA  CB   sing N N 249 
SER CA  HA   sing N N 250 
SER C   O    doub N N 251 
SER C   OXT  sing N N 252 
SER CB  OG   sing N N 253 
SER CB  HB2  sing N N 254 
SER CB  HB3  sing N N 255 
SER OG  HG   sing N N 256 
SER OXT HXT  sing N N 257 
THR N   CA   sing N N 258 
THR N   H    sing N N 259 
THR N   H2   sing N N 260 
THR CA  C    sing N N 261 
THR CA  CB   sing N N 262 
THR CA  HA   sing N N 263 
THR C   O    doub N N 264 
THR C   OXT  sing N N 265 
THR CB  OG1  sing N N 266 
THR CB  CG2  sing N N 267 
THR CB  HB   sing N N 268 
THR OG1 HG1  sing N N 269 
THR CG2 HG21 sing N N 270 
THR CG2 HG22 sing N N 271 
THR CG2 HG23 sing N N 272 
THR OXT HXT  sing N N 273 
TYR N   CA   sing N N 274 
TYR N   H    sing N N 275 
TYR N   H2   sing N N 276 
TYR CA  C    sing N N 277 
TYR CA  CB   sing N N 278 
TYR CA  HA   sing N N 279 
TYR C   O    doub N N 280 
TYR C   OXT  sing N N 281 
TYR CB  CG   sing N N 282 
TYR CB  HB2  sing N N 283 
TYR CB  HB3  sing N N 284 
TYR CG  CD1  doub Y N 285 
TYR CG  CD2  sing Y N 286 
TYR CD1 CE1  sing Y N 287 
TYR CD1 HD1  sing N N 288 
TYR CD2 CE2  doub Y N 289 
TYR CD2 HD2  sing N N 290 
TYR CE1 CZ   doub Y N 291 
TYR CE1 HE1  sing N N 292 
TYR CE2 CZ   sing Y N 293 
TYR CE2 HE2  sing N N 294 
TYR CZ  OH   sing N N 295 
TYR OH  HH   sing N N 296 
TYR OXT HXT  sing N N 297 
VAL N   CA   sing N N 298 
VAL N   H    sing N N 299 
VAL N   H2   sing N N 300 
VAL CA  C    sing N N 301 
VAL CA  CB   sing N N 302 
VAL CA  HA   sing N N 303 
VAL C   O    doub N N 304 
VAL C   OXT  sing N N 305 
VAL CB  CG1  sing N N 306 
VAL CB  CG2  sing N N 307 
VAL CB  HB   sing N N 308 
VAL CG1 HG11 sing N N 309 
VAL CG1 HG12 sing N N 310 
VAL CG1 HG13 sing N N 311 
VAL CG2 HG21 sing N N 312 
VAL CG2 HG22 sing N N 313 
VAL CG2 HG23 sing N N 314 
VAL OXT HXT  sing N N 315 
# 
_pdbx_entity_nonpoly.entity_id   2 
_pdbx_entity_nonpoly.name        water 
_pdbx_entity_nonpoly.comp_id     HOH 
# 
_pdbx_initial_refinement_model.id               1 
_pdbx_initial_refinement_model.entity_id_list   ? 
_pdbx_initial_refinement_model.type             'experimental model' 
_pdbx_initial_refinement_model.source_name      PDB 
_pdbx_initial_refinement_model.accession_code   1C94 
_pdbx_initial_refinement_model.details          'PDB entry 1C94' 
# 
_pdbx_reflns_twin.domain_id                    1 
_pdbx_reflns_twin.crystal_id                   1 
_pdbx_reflns_twin.diffrn_id                    1 
_pdbx_reflns_twin.type                         hemihedral 
_pdbx_reflns_twin.operator                     h,-h-k,-l 
_pdbx_reflns_twin.fraction                     0.35 
_pdbx_reflns_twin.mean_I2_over_mean_I_square   ? 
_pdbx_reflns_twin.mean_F_square_over_mean_F2   ? 
# 
